data_8D6O
#
_entry.id   8D6O
#
_cell.length_a   229.186
_cell.length_b   229.186
_cell.length_c   67.347
_cell.angle_alpha   90.000
_cell.angle_beta   90.000
_cell.angle_gamma   120.000
#
_symmetry.space_group_name_H-M   'H 3'
#
loop_
_entity.id
_entity.type
_entity.pdbx_description
1 polymer Saxiphilin
2 non-polymer '(2P)-4-({6-[({[(3aS,4R,7R,10aS)-2,6-diamino-10,10-dihydroxy-3a,4,9,10-tetrahydro-3H,8H-pyrrolo[1,2-c]purin-4-yl]methoxy}carbonyl)amino]hexyl}carbamoyl)-2-{[4aP,9(9a)P]-6-hydroxy-3-oxo-3H-xanthen-9-yl}benzoic acid'
3 non-polymer 'PENTAETHYLENE GLYCOL'
4 water water
#
_entity_poly.entity_id   1
_entity_poly.type   'polypeptide(L)'
_entity_poly.pdbx_seq_one_letter_code
;MALTFHTALYFTIVGLSFAASDARHVQWCTISHLEQKKCNDLVGSCNVPDITLACVYRSSTENCMAAIKDGQADAMFLDS
GDVYKASLDHYNLKPIIAEPYSLHRELTKCLKHRQESLGGDKMVKGRYIPQCDEKGNYHPVQCHASTGYCWCVNANGEKI
EGTNTTPVQTPPTCPSQVLTKCLKERQEALGGKRIAIGRYIPQCDEQGNYRPMQCHGSTGYCWCVNAIGEKIEGTNTPPG
NTQPTCQSHDWDTCHYAVAVVKNSSTFQFGQLKGKRSCHSGLSKTDGWNAPVNVFVEKKLLPWDGLAKGSIERAVSKFFS
ASCIPGATETNLCKQCIGEEEKKCKSSHDEPYYGDHGAFRCLQEDKGDVAFLKNTALPDEHSGVYELLCPDNTRKPLNKY
KECNLGKVPADAVVTRKAGDKTKDINDFLLEAQKKKCKLFGSPHGKDLMFDDSTTHLAPLPSEIDAFFFLGVKWYNAMKA
LTEDVKLPSKNKVRWCTINKPEMMKCKDWAAVSGGAIACTEASCPEHCVKQILKGEADAVTLDVQYMYMALMCGLLPAVE
EYPNKDDFHPCQIPGSTIKDFGTKRAVALVKKSNKDIKWNNLKGKKSCHTHVGDIPGWVIPAGLISNQNDNIDIESFFGE
SCAPGSDTNSKLCKLCIGDPENPKASTRCSLSDKEAYYGNEGAFRCLVEKGDVAFVPHTVVFANTDGKNPAEWAKDLKSE
DFEILCLDGSRAPVTNYRGCNLSGLPPRAIVTREESVSDVVRILINQQSLYGRNGFEKDMFQMFSSAKGQNLLFNDETQC
LIEFDRQPKDIMEDYFGVRYYTAVYSASRSAVPSELIPACTFKHCSNSLEVLFQ
;
_entity_poly.pdbx_strand_id   A
#
loop_
_chem_comp.id
_chem_comp.type
_chem_comp.name
_chem_comp.formula
1PE non-polymer 'PENTAETHYLENE GLYCOL' 'C10 H22 O6'
QDX non-polymer '(2P)-4-({6-[({[(3aS,4R,7R,10aS)-2,6-diamino-10,10-dihydroxy-3a,4,9,10-tetrahydro-3H,8H-pyrrolo[1,2-c]purin-4-yl]methoxy}carbonyl)amino]hexyl}carbamoyl)-2-{[4aP,9(9a)P]-6-hydroxy-3-oxo-3H-xanthen-9-yl}benzoic acid' 'C37 H40 N8 O10'
#
# COMPACT_ATOMS: atom_id res chain seq x y z
N ARG A 24 -29.91 -4.34 -11.79
CA ARG A 24 -28.74 -4.93 -11.14
C ARG A 24 -29.13 -5.62 -9.84
N HIS A 25 -28.37 -6.65 -9.48
CA HIS A 25 -28.67 -7.50 -8.35
C HIS A 25 -27.39 -7.76 -7.55
N VAL A 26 -27.56 -7.92 -6.25
CA VAL A 26 -26.51 -8.37 -5.35
C VAL A 26 -27.09 -9.51 -4.54
N GLN A 27 -26.47 -10.68 -4.61
CA GLN A 27 -26.95 -11.84 -3.88
C GLN A 27 -26.06 -12.07 -2.66
N TRP A 28 -26.60 -11.84 -1.48
CA TRP A 28 -25.83 -12.01 -0.26
C TRP A 28 -25.98 -13.44 0.26
N CYS A 29 -24.86 -14.07 0.62
CA CYS A 29 -24.91 -15.42 1.17
C CYS A 29 -25.00 -15.36 2.70
N THR A 30 -26.04 -15.96 3.26
CA THR A 30 -26.21 -16.04 4.70
C THR A 30 -25.90 -17.45 5.18
N ILE A 31 -25.48 -17.56 6.45
CA ILE A 31 -24.99 -18.82 7.01
C ILE A 31 -25.93 -19.40 8.04
N SER A 32 -27.09 -18.78 8.26
CA SER A 32 -27.96 -19.26 9.32
C SER A 32 -29.36 -18.73 9.06
N HIS A 33 -30.34 -19.33 9.75
CA HIS A 33 -31.71 -18.85 9.65
C HIS A 33 -31.86 -17.46 10.23
N LEU A 34 -31.24 -17.21 11.39
CA LEU A 34 -31.27 -15.86 11.95
C LEU A 34 -30.71 -14.85 10.96
N GLU A 35 -29.56 -15.14 10.36
CA GLU A 35 -28.95 -14.17 9.46
C GLU A 35 -29.80 -13.98 8.21
N GLN A 36 -30.31 -15.09 7.65
CA GLN A 36 -31.18 -14.99 6.48
C GLN A 36 -32.39 -14.11 6.77
N LYS A 37 -32.95 -14.26 7.97
CA LYS A 37 -34.07 -13.42 8.37
C LYS A 37 -33.68 -11.94 8.39
N LYS A 38 -32.51 -11.61 8.95
CA LYS A 38 -32.07 -10.22 8.93
C LYS A 38 -31.84 -9.74 7.51
N CYS A 39 -31.17 -10.55 6.68
CA CYS A 39 -30.95 -10.15 5.30
C CYS A 39 -32.29 -9.94 4.58
N ASN A 40 -33.28 -10.78 4.88
CA ASN A 40 -34.61 -10.61 4.31
C ASN A 40 -35.23 -9.27 4.74
N ASP A 41 -35.10 -8.92 6.02
CA ASP A 41 -35.64 -7.63 6.47
C ASP A 41 -35.04 -6.48 5.67
N LEU A 42 -33.74 -6.55 5.39
CA LEU A 42 -33.07 -5.47 4.66
C LEU A 42 -33.60 -5.37 3.24
N VAL A 43 -33.85 -6.52 2.59
CA VAL A 43 -34.47 -6.51 1.27
C VAL A 43 -35.75 -5.68 1.31
N GLY A 44 -36.53 -5.85 2.36
CA GLY A 44 -37.68 -4.99 2.56
C GLY A 44 -37.32 -3.56 2.92
N SER A 45 -36.58 -3.37 4.01
CA SER A 45 -36.50 -2.06 4.64
C SER A 45 -35.52 -1.13 3.95
N CYS A 46 -34.60 -1.63 3.15
CA CYS A 46 -33.55 -0.81 2.57
C CYS A 46 -33.79 -0.69 1.08
N ASN A 47 -34.03 0.54 0.63
CA ASN A 47 -34.37 0.79 -0.77
C ASN A 47 -33.21 1.53 -1.41
N VAL A 48 -32.44 0.80 -2.22
CA VAL A 48 -31.38 1.38 -3.02
C VAL A 48 -31.84 1.33 -4.48
N PRO A 49 -32.05 2.47 -5.13
CA PRO A 49 -32.43 2.44 -6.53
C PRO A 49 -31.35 1.78 -7.37
N ASP A 50 -31.78 1.16 -8.47
CA ASP A 50 -30.86 0.61 -9.47
C ASP A 50 -30.27 -0.73 -9.05
N ILE A 51 -30.23 -1.01 -7.75
CA ILE A 51 -29.60 -2.21 -7.24
C ILE A 51 -30.52 -2.89 -6.26
N THR A 52 -30.79 -4.17 -6.49
CA THR A 52 -31.66 -4.93 -5.62
C THR A 52 -30.86 -5.98 -4.86
N LEU A 53 -31.14 -6.09 -3.58
CA LEU A 53 -30.51 -7.09 -2.74
C LEU A 53 -31.36 -8.35 -2.70
N ALA A 54 -30.68 -9.49 -2.64
CA ALA A 54 -31.38 -10.76 -2.41
C ALA A 54 -30.50 -11.63 -1.53
N CYS A 55 -31.14 -12.58 -0.86
CA CYS A 55 -30.52 -13.37 0.21
C CYS A 55 -30.58 -14.85 -0.14
N VAL A 56 -29.44 -15.51 -0.07
CA VAL A 56 -29.28 -16.92 -0.41
C VAL A 56 -28.79 -17.66 0.82
N TYR A 57 -29.58 -18.61 1.32
CA TYR A 57 -29.23 -19.34 2.54
C TYR A 57 -28.29 -20.49 2.25
N ARG A 58 -27.33 -20.68 3.15
CA ARG A 58 -26.52 -21.88 3.21
C ARG A 58 -26.26 -22.18 4.68
N SER A 59 -25.83 -23.40 4.97
CA SER A 59 -25.82 -23.87 6.35
C SER A 59 -24.55 -23.52 7.11
N SER A 60 -23.52 -22.96 6.46
CA SER A 60 -22.28 -22.69 7.17
C SER A 60 -21.41 -21.72 6.37
N THR A 61 -20.44 -21.13 7.09
CA THR A 61 -19.45 -20.27 6.45
C THR A 61 -18.85 -20.94 5.21
N GLU A 62 -18.39 -22.18 5.35
CA GLU A 62 -17.76 -22.89 4.24
C GLU A 62 -18.72 -23.08 3.06
N ASN A 63 -19.98 -23.43 3.34
CA ASN A 63 -20.90 -23.63 2.23
C ASN A 63 -21.19 -22.33 1.50
N CYS A 64 -21.14 -21.20 2.21
CA CYS A 64 -21.29 -19.91 1.56
C CYS A 64 -20.08 -19.55 0.71
N MET A 65 -18.87 -19.82 1.22
CA MET A 65 -17.68 -19.62 0.41
C MET A 65 -17.80 -20.37 -0.92
N ALA A 66 -18.14 -21.66 -0.87
CA ALA A 66 -18.34 -22.44 -2.08
C ALA A 66 -19.47 -21.88 -2.95
N ALA A 67 -20.56 -21.42 -2.33
CA ALA A 67 -21.65 -20.82 -3.10
C ALA A 67 -21.17 -19.61 -3.88
N ILE A 68 -20.32 -18.78 -3.26
CA ILE A 68 -19.85 -17.57 -3.93
C ILE A 68 -18.89 -17.94 -5.06
N LYS A 69 -18.01 -18.90 -4.80
CA LYS A 69 -17.12 -19.37 -5.86
C LYS A 69 -17.92 -19.92 -7.05
N ASP A 70 -19.03 -20.59 -6.77
CA ASP A 70 -19.84 -21.18 -7.84
C ASP A 70 -20.83 -20.21 -8.45
N GLY A 71 -20.90 -18.96 -7.98
CA GLY A 71 -21.85 -18.01 -8.52
C GLY A 71 -23.27 -18.16 -8.02
N GLN A 72 -23.50 -19.03 -7.04
CA GLN A 72 -24.80 -19.08 -6.37
C GLN A 72 -25.07 -17.80 -5.59
N ALA A 73 -24.01 -17.10 -5.18
CA ALA A 73 -24.14 -15.82 -4.49
C ALA A 73 -22.94 -14.96 -4.87
N ASP A 74 -22.91 -13.73 -4.35
CA ASP A 74 -21.89 -12.76 -4.73
C ASP A 74 -21.04 -12.27 -3.57
N ALA A 75 -21.57 -12.18 -2.35
CA ALA A 75 -20.84 -11.54 -1.27
C ALA A 75 -21.23 -12.12 0.08
N MET A 76 -20.24 -12.13 0.97
CA MET A 76 -20.48 -12.37 2.39
C MET A 76 -19.39 -11.65 3.18
N PHE A 77 -19.67 -11.43 4.47
CA PHE A 77 -18.72 -10.88 5.43
C PHE A 77 -18.00 -12.01 6.14
N LEU A 78 -16.67 -11.94 6.19
CA LEU A 78 -15.88 -13.01 6.77
C LEU A 78 -14.92 -12.50 7.86
N ASP A 79 -14.80 -13.26 8.94
CA ASP A 79 -13.70 -13.10 9.85
C ASP A 79 -12.37 -13.19 9.11
N SER A 80 -11.35 -12.51 9.67
CA SER A 80 -10.05 -12.45 9.02
C SER A 80 -9.47 -13.85 8.78
N GLY A 81 -9.75 -14.79 9.69
CA GLY A 81 -9.28 -16.15 9.48
C GLY A 81 -9.89 -16.77 8.25
N ASP A 82 -11.18 -16.52 8.02
CA ASP A 82 -11.82 -17.05 6.82
C ASP A 82 -11.42 -16.28 5.58
N VAL A 83 -11.11 -14.98 5.71
CA VAL A 83 -10.57 -14.26 4.55
C VAL A 83 -9.33 -14.99 4.02
N TYR A 84 -8.47 -15.47 4.92
CA TYR A 84 -7.27 -16.15 4.49
C TYR A 84 -7.61 -17.50 3.86
N LYS A 85 -8.41 -18.30 4.56
CA LYS A 85 -8.84 -19.59 4.03
C LYS A 85 -9.51 -19.42 2.66
N ALA A 86 -10.32 -18.36 2.49
CA ALA A 86 -11.04 -18.16 1.25
C ALA A 86 -10.11 -17.78 0.11
N SER A 87 -8.97 -17.16 0.42
CA SER A 87 -8.03 -16.70 -0.59
C SER A 87 -7.28 -17.84 -1.27
N LEU A 88 -7.31 -19.05 -0.72
CA LEU A 88 -6.63 -20.21 -1.30
C LEU A 88 -7.39 -20.74 -2.52
N ASP A 89 -6.71 -21.59 -3.28
CA ASP A 89 -7.18 -21.99 -4.60
C ASP A 89 -8.52 -22.70 -4.56
N HIS A 90 -8.85 -23.36 -3.45
CA HIS A 90 -10.15 -24.03 -3.36
C HIS A 90 -11.31 -23.07 -3.58
N TYR A 91 -11.17 -21.84 -3.10
CA TYR A 91 -12.29 -20.90 -3.15
C TYR A 91 -12.02 -19.68 -4.00
N ASN A 92 -10.80 -19.16 -3.97
CA ASN A 92 -10.42 -18.03 -4.82
C ASN A 92 -11.32 -16.82 -4.59
N LEU A 93 -11.53 -16.49 -3.31
CA LEU A 93 -12.20 -15.25 -2.94
C LEU A 93 -11.18 -14.22 -2.48
N LYS A 94 -11.58 -12.96 -2.51
CA LYS A 94 -10.71 -11.87 -2.09
C LYS A 94 -11.51 -10.85 -1.29
N PRO A 95 -10.87 -10.16 -0.35
CA PRO A 95 -11.55 -9.07 0.36
C PRO A 95 -11.66 -7.84 -0.51
N ILE A 96 -12.81 -7.18 -0.45
CA ILE A 96 -13.06 -5.96 -1.22
C ILE A 96 -13.53 -4.78 -0.37
N ILE A 97 -14.16 -4.99 0.79
CA ILE A 97 -14.75 -3.92 1.59
C ILE A 97 -14.53 -4.21 3.07
N ALA A 98 -14.17 -3.18 3.85
CA ALA A 98 -13.88 -3.36 5.26
C ALA A 98 -14.03 -2.04 5.99
N GLU A 99 -14.06 -2.13 7.32
CA GLU A 99 -14.10 -0.90 8.14
C GLU A 99 -12.69 -0.31 8.25
N PRO A 100 -12.49 0.95 7.88
CA PRO A 100 -11.15 1.56 8.05
C PRO A 100 -10.74 1.56 9.52
N TYR A 101 -9.45 1.35 9.76
CA TYR A 101 -8.94 1.45 11.13
C TYR A 101 -7.65 2.26 11.12
N SER A 102 -7.06 2.37 12.31
CA SER A 102 -6.00 3.31 12.63
C SER A 102 -5.09 2.67 13.68
N LEU A 103 -3.78 2.89 13.55
CA LEU A 103 -2.81 2.29 14.47
C LEU A 103 -2.29 3.27 15.52
N HIS A 104 -1.95 4.49 15.10
CA HIS A 104 -1.50 5.53 16.01
C HIS A 104 -1.92 6.86 15.38
N ARG A 105 -1.73 7.94 16.14
CA ARG A 105 -2.04 9.25 15.59
C ARG A 105 -0.96 9.61 14.56
N GLU A 106 -1.41 10.17 13.44
CA GLU A 106 -0.51 10.59 12.39
C GLU A 106 -0.61 12.10 12.20
N LEU A 107 0.48 12.68 11.68
CA LEU A 107 0.45 14.05 11.20
C LEU A 107 -0.69 14.23 10.21
N THR A 108 -1.27 15.43 10.15
CA THR A 108 -2.29 15.68 9.14
C THR A 108 -1.67 15.71 7.75
N LYS A 109 -2.50 15.43 6.74
CA LYS A 109 -2.00 15.40 5.37
C LYS A 109 -1.38 16.75 4.97
N CYS A 110 -2.10 17.85 5.23
CA CYS A 110 -1.58 19.17 4.83
C CYS A 110 -0.21 19.42 5.44
N LEU A 111 -0.02 19.06 6.72
CA LEU A 111 1.26 19.37 7.35
C LEU A 111 2.36 18.43 6.84
N LYS A 112 2.01 17.16 6.61
CA LYS A 112 2.91 16.25 5.92
C LYS A 112 3.35 16.85 4.58
N HIS A 113 2.36 17.19 3.74
CA HIS A 113 2.63 17.77 2.43
C HIS A 113 3.52 19.00 2.54
N ARG A 114 3.21 19.90 3.48
CA ARG A 114 4.04 21.09 3.67
C ARG A 114 5.49 20.69 3.96
N GLN A 115 5.69 19.81 4.93
CA GLN A 115 7.04 19.37 5.27
C GLN A 115 7.75 18.73 4.07
N GLU A 116 7.07 17.78 3.39
CA GLU A 116 7.72 17.10 2.27
C GLU A 116 8.16 18.11 1.22
N SER A 117 7.28 19.04 0.86
CA SER A 117 7.59 19.92 -0.25
C SER A 117 8.61 20.99 0.15
N LEU A 118 8.67 21.33 1.44
CA LEU A 118 9.71 22.25 1.90
C LEU A 118 11.08 21.57 1.97
N GLY A 119 11.12 20.26 2.09
CA GLY A 119 12.36 19.51 2.03
C GLY A 119 12.83 19.13 0.64
N GLY A 120 12.16 19.61 -0.40
CA GLY A 120 12.61 19.38 -1.76
C GLY A 120 13.80 20.24 -2.12
N ASP A 121 14.32 20.00 -3.32
CA ASP A 121 15.53 20.66 -3.79
C ASP A 121 15.29 22.15 -3.98
N LYS A 122 15.97 22.97 -3.17
CA LYS A 122 15.79 24.42 -3.27
C LYS A 122 16.21 24.96 -4.64
N MET A 123 17.04 24.21 -5.39
CA MET A 123 17.37 24.62 -6.76
C MET A 123 16.16 24.60 -7.68
N VAL A 124 15.12 23.84 -7.33
CA VAL A 124 13.88 23.81 -8.12
C VAL A 124 12.97 24.88 -7.52
N LYS A 125 12.96 26.06 -8.14
CA LYS A 125 12.30 27.22 -7.56
C LYS A 125 10.84 27.29 -7.98
N GLY A 126 10.06 28.00 -7.19
CA GLY A 126 8.66 28.26 -7.55
C GLY A 126 7.75 27.06 -7.43
N ARG A 127 7.99 26.19 -6.47
CA ARG A 127 7.15 25.02 -6.28
C ARG A 127 5.98 25.37 -5.37
N TYR A 128 4.88 24.62 -5.52
CA TYR A 128 3.70 24.81 -4.70
C TYR A 128 3.96 24.29 -3.29
N ILE A 129 3.73 25.14 -2.30
CA ILE A 129 3.78 24.79 -0.87
C ILE A 129 2.37 24.92 -0.33
N PRO A 130 1.75 23.85 0.17
CA PRO A 130 0.35 23.96 0.62
C PRO A 130 0.19 24.92 1.78
N GLN A 131 -1.01 25.48 1.89
CA GLN A 131 -1.42 26.36 2.99
C GLN A 131 -2.37 25.60 3.90
N CYS A 132 -1.94 25.34 5.14
CA CYS A 132 -2.75 24.66 6.14
C CYS A 132 -3.38 25.66 7.13
N ASP A 133 -4.50 25.28 7.72
CA ASP A 133 -5.21 26.14 8.65
C ASP A 133 -4.82 25.78 10.09
N GLU A 134 -5.47 26.45 11.05
CA GLU A 134 -5.06 26.33 12.45
C GLU A 134 -5.32 24.94 13.02
N LYS A 135 -6.10 24.11 12.33
CA LYS A 135 -6.30 22.70 12.67
C LYS A 135 -5.35 21.78 11.91
N GLY A 136 -4.56 22.33 10.98
CA GLY A 136 -3.66 21.52 10.17
C GLY A 136 -4.28 20.95 8.92
N ASN A 137 -5.51 21.31 8.60
CA ASN A 137 -6.13 20.90 7.36
C ASN A 137 -5.76 21.86 6.23
N TYR A 138 -6.07 21.45 5.01
CA TYR A 138 -5.93 22.32 3.86
C TYR A 138 -6.99 23.40 3.93
N HIS A 139 -6.57 24.66 3.83
CA HIS A 139 -7.53 25.69 3.47
C HIS A 139 -8.23 25.26 2.20
N PRO A 140 -9.55 25.38 2.11
CA PRO A 140 -10.23 24.94 0.88
C PRO A 140 -9.71 25.63 -0.36
N VAL A 141 -9.25 26.88 -0.23
CA VAL A 141 -8.62 27.62 -1.33
C VAL A 141 -7.12 27.41 -1.25
N GLN A 142 -6.53 26.85 -2.30
CA GLN A 142 -5.08 26.69 -2.38
C GLN A 142 -4.53 27.57 -3.51
N CYS A 143 -3.32 28.11 -3.31
CA CYS A 143 -2.76 29.05 -4.26
C CYS A 143 -1.29 28.72 -4.49
N HIS A 144 -0.81 29.07 -5.67
CA HIS A 144 0.56 28.83 -6.09
C HIS A 144 1.24 30.18 -6.15
N ALA A 145 2.07 30.47 -5.15
CA ALA A 145 2.64 31.81 -4.99
C ALA A 145 3.28 32.32 -6.27
N SER A 146 4.22 31.54 -6.81
CA SER A 146 5.02 32.03 -7.94
C SER A 146 4.19 32.22 -9.22
N THR A 147 2.99 31.66 -9.30
CA THR A 147 2.16 31.83 -10.48
C THR A 147 0.87 32.62 -10.25
N GLY A 148 0.51 32.92 -9.00
CA GLY A 148 -0.74 33.60 -8.72
C GLY A 148 -1.99 32.80 -9.00
N TYR A 149 -1.87 31.53 -9.38
CA TYR A 149 -3.03 30.67 -9.62
C TYR A 149 -3.58 30.11 -8.32
N CYS A 150 -4.91 30.08 -8.21
CA CYS A 150 -5.59 29.48 -7.07
C CYS A 150 -6.63 28.48 -7.57
N TRP A 151 -7.03 27.57 -6.69
CA TRP A 151 -8.01 26.53 -7.03
C TRP A 151 -8.58 25.98 -5.73
N CYS A 152 -9.67 25.20 -5.84
CA CYS A 152 -10.27 24.54 -4.70
C CYS A 152 -9.72 23.14 -4.53
N VAL A 153 -9.76 22.63 -3.29
CA VAL A 153 -9.30 21.28 -2.97
C VAL A 153 -10.36 20.56 -2.14
N ASN A 154 -10.30 19.24 -2.17
CA ASN A 154 -11.04 18.41 -1.22
C ASN A 154 -10.24 18.28 0.07
N ALA A 155 -10.75 17.49 1.02
CA ALA A 155 -10.07 17.37 2.31
C ALA A 155 -8.68 16.76 2.17
N ASN A 156 -8.44 15.98 1.12
CA ASN A 156 -7.13 15.39 0.89
C ASN A 156 -6.16 16.34 0.20
N GLY A 157 -6.57 17.56 -0.09
CA GLY A 157 -5.69 18.50 -0.74
C GLY A 157 -5.56 18.29 -2.23
N GLU A 158 -6.44 17.49 -2.83
CA GLU A 158 -6.40 17.24 -4.26
C GLU A 158 -7.28 18.27 -4.98
N LYS A 159 -6.74 18.81 -6.07
CA LYS A 159 -7.40 19.89 -6.79
C LYS A 159 -8.75 19.44 -7.32
N ILE A 160 -9.80 20.23 -7.02
CA ILE A 160 -11.08 20.09 -7.72
C ILE A 160 -10.87 20.60 -9.14
N GLU A 161 -10.75 19.70 -10.10
CA GLU A 161 -10.38 20.13 -11.45
C GLU A 161 -11.47 21.03 -12.04
N GLY A 162 -11.03 22.02 -12.80
CA GLY A 162 -11.94 23.02 -13.32
C GLY A 162 -12.24 24.20 -12.41
N THR A 163 -11.43 24.44 -11.38
CA THR A 163 -11.63 25.58 -10.51
C THR A 163 -10.45 26.55 -10.51
N ASN A 164 -9.43 26.31 -11.33
CA ASN A 164 -8.29 27.22 -11.41
C ASN A 164 -8.75 28.63 -11.78
N THR A 165 -8.29 29.61 -11.03
CA THR A 165 -8.46 31.02 -11.36
C THR A 165 -7.09 31.66 -11.45
N THR A 166 -6.92 32.56 -12.42
CA THR A 166 -5.63 33.18 -12.67
C THR A 166 -5.42 34.37 -11.73
N PRO A 167 -4.19 34.90 -11.66
CA PRO A 167 -3.95 36.04 -10.76
C PRO A 167 -4.76 37.27 -11.10
N VAL A 168 -5.12 37.45 -12.38
CA VAL A 168 -5.89 38.61 -12.81
C VAL A 168 -7.29 38.64 -12.22
N GLN A 169 -7.76 37.52 -11.67
CA GLN A 169 -9.07 37.43 -11.06
C GLN A 169 -8.93 37.22 -9.54
N THR A 170 -10.05 37.31 -8.85
CA THR A 170 -10.04 37.08 -7.42
C THR A 170 -10.03 35.58 -7.11
N PRO A 171 -9.46 35.18 -5.98
CA PRO A 171 -9.44 33.75 -5.61
C PRO A 171 -10.83 33.15 -5.65
N PRO A 172 -10.95 31.87 -6.02
CA PRO A 172 -12.28 31.29 -6.19
C PRO A 172 -12.99 31.16 -4.86
N THR A 173 -14.30 30.97 -4.94
CA THR A 173 -15.10 30.70 -3.76
C THR A 173 -15.26 29.19 -3.64
N CYS A 174 -14.77 28.63 -2.55
CA CYS A 174 -14.68 27.19 -2.43
C CYS A 174 -15.50 26.71 -1.25
N PRO A 175 -16.24 25.61 -1.41
CA PRO A 175 -17.06 25.10 -0.32
C PRO A 175 -16.22 24.78 0.90
N SER A 176 -16.82 24.91 2.07
CA SER A 176 -16.11 24.61 3.30
C SER A 176 -15.75 23.12 3.34
N GLN A 177 -14.69 22.80 4.08
CA GLN A 177 -14.28 21.42 4.21
C GLN A 177 -15.30 20.63 5.02
N VAL A 178 -15.36 19.32 4.74
CA VAL A 178 -16.27 18.45 5.46
C VAL A 178 -15.89 18.43 6.94
N LEU A 179 -16.91 18.39 7.80
CA LEU A 179 -16.70 18.43 9.25
C LEU A 179 -16.07 17.13 9.73
N THR A 180 -15.49 17.19 10.93
CA THR A 180 -14.99 15.98 11.59
C THR A 180 -16.13 15.00 11.84
N LYS A 181 -15.75 13.75 12.12
CA LYS A 181 -16.78 12.77 12.45
C LYS A 181 -17.65 13.25 13.61
N CYS A 182 -17.02 13.79 14.66
CA CYS A 182 -17.78 14.20 15.83
C CYS A 182 -18.75 15.33 15.50
N LEU A 183 -18.26 16.43 14.92
CA LEU A 183 -19.15 17.55 14.60
C LEU A 183 -20.19 17.15 13.57
N LYS A 184 -19.85 16.22 12.68
CA LYS A 184 -20.84 15.69 11.75
C LYS A 184 -21.90 14.90 12.50
N GLU A 185 -21.47 13.95 13.33
CA GLU A 185 -22.42 13.20 14.15
C GLU A 185 -23.24 14.15 15.02
N ARG A 186 -22.60 15.20 15.54
CA ARG A 186 -23.30 16.19 16.34
C ARG A 186 -24.39 16.87 15.53
N GLN A 187 -24.03 17.38 14.35
CA GLN A 187 -25.00 18.06 13.52
C GLN A 187 -26.14 17.11 13.09
N GLU A 188 -25.79 15.88 12.69
CA GLU A 188 -26.82 14.93 12.26
C GLU A 188 -27.75 14.54 13.40
N ALA A 189 -27.19 14.25 14.58
CA ALA A 189 -28.03 13.95 15.73
C ALA A 189 -29.00 15.09 16.02
N LEU A 190 -28.52 16.35 15.94
CA LEU A 190 -29.40 17.49 16.09
C LEU A 190 -30.48 17.52 15.01
N GLY A 191 -30.20 16.93 13.85
CA GLY A 191 -31.22 16.79 12.82
C GLY A 191 -31.88 18.09 12.41
N GLY A 192 -31.10 19.17 12.32
CA GLY A 192 -31.63 20.48 12.00
C GLY A 192 -32.60 21.00 13.04
N LYS A 193 -32.11 21.21 14.27
CA LYS A 193 -32.95 21.63 15.40
C LYS A 193 -34.03 20.59 15.70
N ALA A 196 -33.17 17.17 19.11
CA ALA A 196 -32.07 17.30 20.06
C ALA A 196 -32.38 16.60 21.39
N ILE A 197 -33.67 16.54 21.71
CA ILE A 197 -34.13 16.23 23.06
C ILE A 197 -34.26 14.73 23.27
N GLY A 198 -33.68 14.24 24.36
CA GLY A 198 -33.82 12.86 24.78
C GLY A 198 -32.90 11.85 24.12
N ARG A 199 -32.05 12.29 23.19
CA ARG A 199 -31.14 11.36 22.51
C ARG A 199 -29.70 11.79 22.74
N TYR A 200 -28.80 10.84 22.48
CA TYR A 200 -27.38 11.11 22.66
C TYR A 200 -26.88 12.09 21.59
N ILE A 201 -26.21 13.16 22.04
CA ILE A 201 -25.50 14.08 21.17
C ILE A 201 -24.03 14.04 21.56
N PRO A 202 -23.12 13.67 20.65
CA PRO A 202 -21.71 13.56 21.03
C PRO A 202 -21.16 14.91 21.47
N GLN A 203 -20.19 14.86 22.38
CA GLN A 203 -19.48 16.03 22.86
C GLN A 203 -18.08 16.05 22.24
N CYS A 204 -17.75 17.15 21.56
CA CYS A 204 -16.49 17.29 20.82
C CYS A 204 -15.57 18.32 21.48
N ASP A 205 -14.27 18.21 21.22
CA ASP A 205 -13.26 19.10 21.76
C ASP A 205 -12.93 20.23 20.78
N GLU A 206 -11.85 20.96 21.06
CA GLU A 206 -11.41 22.06 20.20
C GLU A 206 -11.12 21.57 18.78
N GLN A 207 -10.18 20.64 18.66
CA GLN A 207 -9.80 20.13 17.35
C GLN A 207 -10.93 19.39 16.63
N GLY A 208 -12.13 19.32 17.20
CA GLY A 208 -13.22 18.58 16.58
C GLY A 208 -13.14 17.08 16.70
N ASN A 209 -12.32 16.56 17.61
CA ASN A 209 -12.33 15.14 17.93
C ASN A 209 -13.20 14.89 19.16
N TYR A 210 -13.57 13.63 19.35
CA TYR A 210 -14.40 13.26 20.48
C TYR A 210 -13.68 13.53 21.80
N ARG A 211 -14.41 14.11 22.75
CA ARG A 211 -13.95 14.10 24.13
C ARG A 211 -13.79 12.66 24.61
N PRO A 212 -12.75 12.35 25.38
CA PRO A 212 -12.62 10.97 25.89
C PRO A 212 -13.84 10.47 26.63
N MET A 213 -14.41 11.30 27.50
CA MET A 213 -15.61 10.91 28.26
C MET A 213 -16.83 11.40 27.50
N GLN A 214 -17.77 10.49 27.23
CA GLN A 214 -19.05 10.84 26.63
C GLN A 214 -20.14 10.55 27.63
N CYS A 215 -21.18 11.37 27.65
CA CYS A 215 -22.32 11.15 28.54
C CYS A 215 -23.60 11.27 27.76
N HIS A 216 -24.57 10.45 28.13
CA HIS A 216 -25.91 10.54 27.54
C HIS A 216 -26.69 11.59 28.31
N GLY A 217 -27.16 12.62 27.61
CA GLY A 217 -27.80 13.76 28.25
C GLY A 217 -29.15 13.49 28.90
N SER A 218 -29.71 12.28 28.75
CA SER A 218 -31.02 11.97 29.35
C SER A 218 -30.97 10.87 30.40
N THR A 219 -30.19 9.83 30.16
CA THR A 219 -30.09 8.70 31.08
C THR A 219 -29.06 8.93 32.17
N GLY A 220 -28.18 9.91 32.02
CA GLY A 220 -27.10 10.10 32.97
C GLY A 220 -25.95 9.13 32.86
N TYR A 221 -26.00 8.16 31.93
CA TYR A 221 -24.89 7.25 31.72
C TYR A 221 -23.69 7.97 31.10
N CYS A 222 -22.49 7.50 31.46
CA CYS A 222 -21.24 7.97 30.85
C CYS A 222 -20.35 6.79 30.50
N TRP A 223 -19.50 6.98 29.49
CA TRP A 223 -18.56 5.96 29.03
C TRP A 223 -17.39 6.63 28.31
N CYS A 224 -16.37 5.84 27.99
CA CYS A 224 -15.19 6.34 27.28
C CYS A 224 -15.28 6.00 25.79
N VAL A 225 -14.70 6.88 24.96
CA VAL A 225 -14.51 6.60 23.54
C VAL A 225 -13.05 6.90 23.18
N ASN A 226 -12.56 6.22 22.15
CA ASN A 226 -11.29 6.66 21.59
C ASN A 226 -11.52 7.88 20.70
N ALA A 227 -10.45 8.28 20.00
CA ALA A 227 -10.44 9.59 19.36
C ALA A 227 -11.32 9.67 18.13
N ILE A 228 -11.71 8.53 17.56
CA ILE A 228 -12.67 8.51 16.46
C ILE A 228 -14.07 8.08 16.93
N GLY A 229 -14.33 8.14 18.23
CA GLY A 229 -15.68 7.95 18.75
C GLY A 229 -16.13 6.52 18.98
N GLU A 230 -15.25 5.53 18.85
CA GLU A 230 -15.61 4.16 19.15
C GLU A 230 -15.63 3.95 20.66
N LYS A 231 -16.65 3.25 21.15
CA LYS A 231 -16.78 3.06 22.59
C LYS A 231 -15.74 2.07 23.10
N ILE A 232 -15.16 2.39 24.25
CA ILE A 232 -14.25 1.50 24.97
C ILE A 232 -15.10 0.59 25.83
N GLU A 233 -14.98 -0.72 25.60
CA GLU A 233 -15.80 -1.66 26.34
C GLU A 233 -15.40 -1.65 27.81
N GLY A 234 -16.34 -1.99 28.67
CA GLY A 234 -16.04 -2.03 30.08
C GLY A 234 -16.01 -0.67 30.75
N THR A 235 -16.55 0.37 30.11
CA THR A 235 -16.52 1.71 30.69
C THR A 235 -17.90 2.32 30.88
N ASN A 236 -18.97 1.64 30.48
CA ASN A 236 -20.30 2.22 30.58
C ASN A 236 -20.72 2.29 32.04
N THR A 237 -21.08 3.50 32.48
CA THR A 237 -21.22 3.78 33.90
C THR A 237 -22.59 4.42 34.17
N PRO A 238 -23.44 3.80 34.97
CA PRO A 238 -24.75 4.42 35.27
C PRO A 238 -24.56 5.62 36.17
N PRO A 239 -25.52 6.55 36.19
CA PRO A 239 -25.37 7.75 37.02
C PRO A 239 -25.26 7.36 38.49
N GLY A 240 -24.49 8.15 39.24
CA GLY A 240 -24.23 7.85 40.63
C GLY A 240 -23.05 6.93 40.87
N ASN A 241 -22.40 6.43 39.84
CA ASN A 241 -21.20 5.63 40.00
C ASN A 241 -19.99 6.38 39.47
N THR A 242 -18.82 6.09 40.05
CA THR A 242 -17.59 6.70 39.59
C THR A 242 -17.15 6.04 38.28
N GLN A 243 -16.73 6.87 37.32
CA GLN A 243 -16.33 6.36 36.01
C GLN A 243 -14.89 5.87 36.02
N PRO A 244 -14.58 4.84 35.23
CA PRO A 244 -13.17 4.53 34.96
C PRO A 244 -12.54 5.65 34.17
N THR A 245 -11.23 5.84 34.36
CA THR A 245 -10.55 6.92 33.67
C THR A 245 -10.57 6.67 32.16
N CYS A 246 -10.79 7.75 31.41
CA CYS A 246 -10.78 7.67 29.96
C CYS A 246 -9.45 8.18 29.42
N GLN A 247 -8.80 7.36 28.60
CA GLN A 247 -7.54 7.70 27.96
C GLN A 247 -7.78 8.75 26.87
N SER A 248 -6.94 9.77 26.83
CA SER A 248 -7.03 10.72 25.73
C SER A 248 -6.09 10.32 24.58
N HIS A 249 -6.34 10.93 23.42
CA HIS A 249 -5.53 10.72 22.22
C HIS A 249 -5.37 9.23 21.89
N ASP A 250 -6.46 8.48 22.03
CA ASP A 250 -6.44 7.04 21.73
C ASP A 250 -6.77 6.85 20.25
N TRP A 251 -5.74 6.61 19.45
CA TRP A 251 -5.86 6.36 18.03
C TRP A 251 -5.55 4.91 17.66
N ASP A 252 -5.46 4.02 18.65
CA ASP A 252 -5.27 2.60 18.41
C ASP A 252 -6.64 1.96 18.30
N THR A 253 -7.14 1.82 17.08
CA THR A 253 -8.48 1.25 16.88
C THR A 253 -8.42 -0.17 16.33
N CYS A 254 -7.26 -0.83 16.39
CA CYS A 254 -7.24 -2.24 16.05
C CYS A 254 -8.05 -3.03 17.06
N HIS A 255 -8.68 -4.10 16.60
CA HIS A 255 -9.32 -5.05 17.48
C HIS A 255 -8.28 -5.97 18.10
N TYR A 256 -8.59 -6.43 19.31
CA TYR A 256 -7.70 -7.22 20.14
C TYR A 256 -8.38 -8.52 20.52
N ALA A 257 -7.70 -9.64 20.29
CA ALA A 257 -8.14 -10.92 20.82
C ALA A 257 -8.01 -10.93 22.34
N VAL A 258 -9.02 -11.44 23.04
CA VAL A 258 -8.95 -11.54 24.49
C VAL A 258 -9.48 -12.88 24.97
N ALA A 259 -9.06 -13.25 26.18
CA ALA A 259 -9.61 -14.35 26.93
C ALA A 259 -10.39 -13.78 28.11
N VAL A 260 -11.70 -14.06 28.16
CA VAL A 260 -12.56 -13.48 29.20
C VAL A 260 -12.95 -14.58 30.18
N VAL A 261 -12.98 -14.24 31.47
CA VAL A 261 -13.28 -15.19 32.55
C VAL A 261 -14.22 -14.51 33.55
N LYS A 262 -14.82 -15.31 34.42
CA LYS A 262 -15.65 -14.79 35.50
C LYS A 262 -14.78 -14.53 36.73
N ASN A 263 -15.14 -13.50 37.49
CA ASN A 263 -14.32 -13.18 38.67
C ASN A 263 -14.50 -14.19 39.80
N SER A 264 -15.42 -15.14 39.66
CA SER A 264 -15.65 -16.18 40.66
C SER A 264 -14.67 -17.35 40.56
N SER A 265 -13.93 -17.49 39.46
CA SER A 265 -12.87 -18.47 39.34
C SER A 265 -11.52 -17.80 39.63
N THR A 266 -10.46 -18.61 39.78
CA THR A 266 -9.17 -18.09 40.23
C THR A 266 -7.96 -18.56 39.44
N PHE A 267 -8.13 -19.40 38.41
CA PHE A 267 -6.99 -19.88 37.65
C PHE A 267 -6.39 -18.75 36.80
N GLN A 268 -5.12 -18.88 36.48
CA GLN A 268 -4.40 -17.97 35.59
C GLN A 268 -4.21 -18.62 34.22
N PHE A 269 -3.73 -17.80 33.28
CA PHE A 269 -3.59 -18.26 31.89
C PHE A 269 -2.76 -19.54 31.79
N GLY A 270 -1.64 -19.59 32.51
CA GLY A 270 -0.75 -20.75 32.42
C GLY A 270 -1.34 -22.04 32.94
N GLN A 271 -2.48 -21.98 33.65
CA GLN A 271 -3.14 -23.14 34.21
C GLN A 271 -4.39 -23.51 33.43
N LEU A 272 -4.40 -23.22 32.14
CA LEU A 272 -5.59 -23.48 31.32
C LEU A 272 -5.78 -24.95 30.99
N LYS A 273 -4.74 -25.75 31.12
CA LYS A 273 -4.84 -27.16 30.73
C LYS A 273 -5.97 -27.83 31.52
N GLY A 274 -6.86 -28.49 30.79
CA GLY A 274 -7.91 -29.25 31.42
C GLY A 274 -9.17 -28.47 31.77
N LYS A 275 -9.23 -27.18 31.46
CA LYS A 275 -10.45 -26.43 31.70
C LYS A 275 -11.42 -26.58 30.52
N ARG A 276 -12.62 -26.06 30.71
CA ARG A 276 -13.60 -25.96 29.64
C ARG A 276 -13.48 -24.59 28.97
N SER A 277 -13.56 -24.58 27.63
CA SER A 277 -13.35 -23.34 26.90
C SER A 277 -14.42 -23.13 25.85
N CYS A 278 -14.76 -21.85 25.64
CA CYS A 278 -15.68 -21.39 24.61
C CYS A 278 -14.92 -20.54 23.61
N HIS A 279 -15.00 -20.91 22.34
CA HIS A 279 -14.27 -20.22 21.28
C HIS A 279 -15.25 -19.69 20.24
N SER A 280 -14.94 -18.54 19.67
CA SER A 280 -15.84 -17.99 18.66
C SER A 280 -15.96 -18.92 17.46
N GLY A 281 -14.89 -19.65 17.10
CA GLY A 281 -15.00 -20.66 16.06
C GLY A 281 -13.66 -21.20 15.59
N LEU A 282 -13.65 -22.43 15.04
CA LEU A 282 -12.38 -23.05 14.68
C LEU A 282 -11.59 -22.21 13.69
N SER A 283 -12.26 -21.49 12.79
CA SER A 283 -11.53 -20.74 11.76
C SER A 283 -11.39 -19.25 12.07
N LYS A 284 -11.83 -18.78 13.25
CA LYS A 284 -11.75 -17.36 13.59
C LYS A 284 -10.38 -17.01 14.16
N THR A 285 -9.84 -15.88 13.71
CA THR A 285 -8.55 -15.46 14.25
C THR A 285 -8.64 -15.28 15.77
N ASP A 286 -9.69 -14.60 16.26
CA ASP A 286 -9.75 -14.33 17.69
C ASP A 286 -10.11 -15.57 18.51
N GLY A 287 -10.83 -16.51 17.91
CA GLY A 287 -11.25 -17.73 18.57
C GLY A 287 -10.31 -18.90 18.48
N TRP A 288 -9.29 -18.84 17.61
CA TRP A 288 -8.43 -19.99 17.35
C TRP A 288 -6.98 -19.60 17.14
N ASN A 289 -6.67 -18.85 16.08
CA ASN A 289 -5.28 -18.53 15.76
C ASN A 289 -4.59 -17.82 16.90
N ALA A 290 -5.19 -16.73 17.41
CA ALA A 290 -4.54 -15.95 18.48
C ALA A 290 -4.31 -16.80 19.72
N PRO A 291 -5.32 -17.42 20.33
CA PRO A 291 -5.04 -18.30 21.49
C PRO A 291 -4.03 -19.38 21.14
N VAL A 292 -4.29 -20.15 20.08
CA VAL A 292 -3.38 -21.25 19.75
C VAL A 292 -1.97 -20.75 19.59
N ASN A 293 -1.80 -19.61 18.90
CA ASN A 293 -0.46 -19.02 18.80
C ASN A 293 0.17 -18.87 20.17
N VAL A 294 -0.58 -18.30 21.12
CA VAL A 294 -0.02 -18.04 22.45
C VAL A 294 0.23 -19.37 23.17
N PHE A 295 -0.73 -20.30 23.11
CA PHE A 295 -0.50 -21.62 23.69
C PHE A 295 0.84 -22.19 23.24
N VAL A 296 1.19 -22.01 21.97
CA VAL A 296 2.39 -22.64 21.43
C VAL A 296 3.64 -21.89 21.88
N GLU A 297 3.62 -20.56 21.84
CA GLU A 297 4.76 -19.79 22.27
C GLU A 297 5.09 -20.06 23.73
N LYS A 298 4.07 -20.19 24.57
CA LYS A 298 4.27 -20.48 25.98
C LYS A 298 4.54 -21.95 26.25
N LYS A 299 4.44 -22.81 25.24
CA LYS A 299 4.67 -24.24 25.39
C LYS A 299 3.67 -24.88 26.34
N LEU A 300 2.47 -24.28 26.49
CA LEU A 300 1.39 -24.97 27.17
C LEU A 300 0.89 -26.13 26.34
N LEU A 301 1.01 -26.04 25.02
CA LEU A 301 0.56 -27.05 24.10
C LEU A 301 1.75 -27.88 23.67
N PRO A 302 1.84 -29.16 24.04
CA PRO A 302 2.93 -29.99 23.54
C PRO A 302 2.82 -30.22 22.04
N TRP A 303 2.95 -29.16 21.25
CA TRP A 303 2.90 -29.25 19.81
C TRP A 303 3.90 -28.29 19.21
N ASP A 304 4.43 -28.63 18.04
CA ASP A 304 5.49 -27.84 17.44
C ASP A 304 5.20 -27.50 15.98
N GLY A 305 5.54 -28.42 15.08
CA GLY A 305 5.28 -28.25 13.67
C GLY A 305 4.76 -29.53 13.09
N LEU A 306 4.79 -30.59 13.90
CA LEU A 306 4.24 -31.89 13.53
C LEU A 306 2.96 -31.69 12.74
N ALA A 307 3.05 -31.78 11.41
CA ALA A 307 1.89 -31.49 10.57
C ALA A 307 1.26 -32.77 10.01
N GLY A 309 0.36 -35.00 13.80
CA GLY A 309 -0.55 -34.44 14.78
C GLY A 309 -1.04 -33.04 14.43
N SER A 310 -2.30 -32.93 14.03
CA SER A 310 -2.88 -31.64 13.72
C SER A 310 -2.94 -30.77 14.97
N ILE A 311 -3.07 -29.46 14.75
CA ILE A 311 -3.20 -28.54 15.89
C ILE A 311 -4.49 -28.82 16.65
N GLU A 312 -5.58 -29.01 15.92
CA GLU A 312 -6.86 -29.27 16.58
C GLU A 312 -6.77 -30.48 17.50
N ARG A 313 -6.06 -31.53 17.07
CA ARG A 313 -5.90 -32.71 17.90
C ARG A 313 -5.16 -32.37 19.19
N ALA A 314 -4.08 -31.59 19.07
CA ALA A 314 -3.30 -31.17 20.24
C ALA A 314 -4.16 -30.34 21.18
N VAL A 315 -4.92 -29.38 20.63
CA VAL A 315 -5.85 -28.60 21.43
C VAL A 315 -6.87 -29.51 22.09
N SER A 316 -7.23 -30.60 21.40
CA SER A 316 -8.22 -31.54 21.94
C SER A 316 -7.71 -32.20 23.22
N LYS A 317 -6.40 -32.46 23.30
CA LYS A 317 -5.83 -33.01 24.51
C LYS A 317 -5.71 -31.97 25.62
N PHE A 318 -5.56 -30.69 25.24
CA PHE A 318 -5.31 -29.62 26.21
C PHE A 318 -6.53 -29.33 27.07
N PHE A 319 -7.66 -29.03 26.42
CA PHE A 319 -8.91 -28.74 27.12
C PHE A 319 -9.67 -30.03 27.43
N SER A 320 -10.39 -30.02 28.54
CA SER A 320 -11.24 -31.16 28.87
C SER A 320 -12.44 -31.24 27.93
N ALA A 321 -13.26 -30.19 27.90
CA ALA A 321 -14.40 -30.07 27.00
C ALA A 321 -14.55 -28.62 26.56
N SER A 322 -14.82 -28.40 25.28
CA SER A 322 -14.92 -27.05 24.74
C SER A 322 -16.13 -26.95 23.82
N CYS A 323 -16.38 -25.74 23.33
CA CYS A 323 -17.27 -25.51 22.20
C CYS A 323 -16.50 -24.68 21.19
N ILE A 324 -16.18 -25.28 20.04
CA ILE A 324 -15.37 -24.58 19.04
C ILE A 324 -16.03 -24.76 17.67
N PRO A 325 -17.05 -23.99 17.34
CA PRO A 325 -17.78 -24.21 16.08
C PRO A 325 -16.90 -24.52 14.88
N GLY A 326 -17.24 -25.61 14.19
CA GLY A 326 -16.48 -26.04 13.03
C GLY A 326 -15.43 -27.09 13.32
N ALA A 327 -15.27 -27.52 14.56
CA ALA A 327 -14.30 -28.56 14.88
C ALA A 327 -14.88 -29.95 14.66
N THR A 328 -14.00 -30.93 14.54
CA THR A 328 -14.38 -32.33 14.37
C THR A 328 -14.14 -33.19 15.61
N GLU A 329 -12.99 -33.06 16.25
CA GLU A 329 -12.75 -33.77 17.52
C GLU A 329 -13.96 -33.61 18.44
N THR A 330 -14.37 -34.72 19.07
CA THR A 330 -15.65 -34.72 19.75
C THR A 330 -15.65 -33.81 20.98
N ASN A 331 -14.60 -33.87 21.80
CA ASN A 331 -14.61 -33.09 23.04
C ASN A 331 -14.59 -31.58 22.77
N LEU A 332 -14.07 -31.15 21.61
CA LEU A 332 -14.09 -29.75 21.23
C LEU A 332 -15.44 -29.30 20.66
N CYS A 333 -16.46 -30.16 20.73
CA CYS A 333 -17.83 -29.81 20.40
C CYS A 333 -18.79 -30.13 21.55
N LYS A 334 -18.28 -30.71 22.64
CA LYS A 334 -19.13 -31.21 23.71
C LYS A 334 -19.97 -30.11 24.35
N GLN A 335 -19.45 -28.89 24.43
CA GLN A 335 -20.13 -27.81 25.16
C GLN A 335 -21.08 -27.01 24.30
N CYS A 336 -21.06 -27.19 22.97
CA CYS A 336 -22.01 -26.50 22.12
C CYS A 336 -23.43 -27.02 22.40
N ILE A 337 -24.43 -26.29 21.93
CA ILE A 337 -25.80 -26.61 22.30
C ILE A 337 -26.75 -26.43 21.12
N GLY A 338 -26.22 -26.44 19.91
CA GLY A 338 -27.08 -26.41 18.74
C GLY A 338 -27.86 -27.71 18.59
N GLU A 339 -29.12 -27.58 18.17
CA GLU A 339 -30.02 -28.72 18.13
C GLU A 339 -29.74 -29.60 16.92
N GLU A 340 -29.53 -30.88 17.16
CA GLU A 340 -29.38 -31.92 16.11
C GLU A 340 -28.20 -31.53 15.22
N GLU A 341 -28.36 -31.49 13.91
CA GLU A 341 -27.21 -31.30 13.00
C GLU A 341 -26.54 -29.95 13.21
N LYS A 342 -27.29 -28.95 13.70
CA LYS A 342 -26.76 -27.60 13.84
C LYS A 342 -25.72 -27.50 14.95
N LYS A 343 -25.65 -28.49 15.85
CA LYS A 343 -24.64 -28.48 16.91
C LYS A 343 -23.24 -28.34 16.34
N CYS A 344 -22.46 -27.44 16.95
CA CYS A 344 -21.06 -27.21 16.61
C CYS A 344 -20.88 -26.73 15.17
N LYS A 345 -21.90 -26.17 14.56
CA LYS A 345 -21.75 -25.63 13.21
C LYS A 345 -21.17 -24.22 13.27
N SER A 346 -20.35 -23.90 12.29
CA SER A 346 -19.91 -22.53 12.08
C SER A 346 -21.09 -21.70 11.55
N SER A 347 -22.11 -21.55 12.42
CA SER A 347 -23.34 -20.88 12.02
C SER A 347 -24.07 -20.36 13.25
N HIS A 348 -24.78 -19.25 13.08
CA HIS A 348 -25.57 -18.70 14.20
C HIS A 348 -26.62 -19.68 14.69
N ASP A 349 -27.02 -20.65 13.87
CA ASP A 349 -27.96 -21.66 14.37
C ASP A 349 -27.35 -22.46 15.52
N GLU A 350 -26.04 -22.38 15.69
CA GLU A 350 -25.38 -22.87 16.88
C GLU A 350 -25.34 -21.73 17.88
N PRO A 351 -26.09 -21.78 18.98
CA PRO A 351 -26.20 -20.58 19.84
C PRO A 351 -24.87 -20.10 20.41
N TYR A 352 -23.85 -20.95 20.50
CA TYR A 352 -22.56 -20.54 21.04
C TYR A 352 -21.55 -20.16 19.95
N TYR A 353 -22.01 -19.94 18.72
CA TYR A 353 -21.14 -19.57 17.60
C TYR A 353 -20.79 -18.08 17.66
N GLY A 354 -19.55 -17.76 17.29
CA GLY A 354 -19.13 -16.37 17.17
C GLY A 354 -18.78 -15.71 18.49
N ASP A 355 -18.33 -14.45 18.37
CA ASP A 355 -17.89 -13.72 19.55
C ASP A 355 -18.96 -13.69 20.64
N HIS A 356 -20.17 -13.27 20.29
CA HIS A 356 -21.21 -13.22 21.31
C HIS A 356 -21.67 -14.61 21.73
N GLY A 357 -21.50 -15.61 20.86
CA GLY A 357 -21.86 -16.97 21.25
C GLY A 357 -20.89 -17.54 22.26
N ALA A 358 -19.59 -17.34 22.03
CA ALA A 358 -18.60 -17.77 23.01
C ALA A 358 -18.82 -17.09 24.35
N PHE A 359 -19.19 -15.80 24.35
CA PHE A 359 -19.44 -15.12 25.62
C PHE A 359 -20.67 -15.70 26.31
N ARG A 360 -21.73 -15.96 25.54
CA ARG A 360 -22.90 -16.63 26.09
C ARG A 360 -22.53 -17.97 26.72
N CYS A 361 -21.65 -18.73 26.04
CA CYS A 361 -21.22 -20.03 26.53
C CYS A 361 -20.53 -19.91 27.89
N LEU A 362 -19.72 -18.86 28.09
CA LEU A 362 -19.14 -18.62 29.42
C LEU A 362 -20.20 -18.12 30.40
N GLN A 363 -21.05 -17.20 29.95
CA GLN A 363 -22.09 -16.65 30.81
C GLN A 363 -22.97 -17.74 31.39
N GLU A 364 -23.27 -18.78 30.59
CA GLU A 364 -24.12 -19.88 31.03
C GLU A 364 -23.32 -21.02 31.64
N ASP A 365 -22.03 -20.81 31.92
CA ASP A 365 -21.16 -21.72 32.66
C ASP A 365 -20.92 -23.05 31.95
N LYS A 366 -21.04 -23.07 30.62
CA LYS A 366 -20.58 -24.21 29.85
C LYS A 366 -19.07 -24.17 29.61
N GLY A 367 -18.41 -23.04 29.87
CA GLY A 367 -16.96 -22.97 29.81
C GLY A 367 -16.45 -22.13 30.96
N ASP A 368 -15.16 -22.26 31.23
CA ASP A 368 -14.50 -21.44 32.25
C ASP A 368 -13.80 -20.22 31.67
N VAL A 369 -13.56 -20.20 30.36
CA VAL A 369 -12.90 -19.10 29.66
C VAL A 369 -13.52 -19.03 28.27
N ALA A 370 -13.69 -17.81 27.77
CA ALA A 370 -14.13 -17.61 26.39
C ALA A 370 -13.08 -16.83 25.62
N PHE A 371 -12.85 -17.23 24.36
CA PHE A 371 -11.87 -16.58 23.50
C PHE A 371 -12.62 -15.83 22.40
N LEU A 372 -12.50 -14.51 22.42
CA LEU A 372 -13.24 -13.63 21.51
C LEU A 372 -12.41 -12.35 21.39
N LYS A 373 -13.03 -11.25 20.97
CA LYS A 373 -12.26 -10.03 20.80
C LYS A 373 -12.93 -8.88 21.57
N ASN A 374 -12.15 -7.81 21.79
CA ASN A 374 -12.60 -6.73 22.67
C ASN A 374 -13.96 -6.17 22.25
N THR A 375 -14.28 -6.17 20.96
CA THR A 375 -15.53 -5.56 20.52
C THR A 375 -16.76 -6.31 20.99
N ALA A 376 -16.59 -7.52 21.53
CA ALA A 376 -17.71 -8.30 22.03
C ALA A 376 -17.78 -8.31 23.55
N LEU A 377 -16.88 -7.60 24.22
CA LEU A 377 -16.91 -7.53 25.68
C LEU A 377 -18.14 -6.73 26.15
N PRO A 378 -18.64 -7.01 27.34
CA PRO A 378 -19.73 -6.19 27.89
C PRO A 378 -19.32 -4.72 28.01
N ASP A 379 -20.28 -3.84 27.72
CA ASP A 379 -20.03 -2.40 27.81
C ASP A 379 -19.90 -1.92 29.27
N GLU A 380 -20.57 -2.59 30.21
CA GLU A 380 -20.71 -2.07 31.58
C GLU A 380 -19.45 -2.29 32.39
N HIS A 381 -19.08 -1.27 33.17
CA HIS A 381 -17.83 -1.32 33.94
C HIS A 381 -17.88 -2.39 35.01
N SER A 382 -19.05 -2.60 35.58
CA SER A 382 -19.21 -3.44 36.75
C SER A 382 -19.83 -4.75 36.32
N GLY A 383 -19.48 -5.80 37.01
CA GLY A 383 -19.98 -7.10 36.65
C GLY A 383 -18.99 -8.17 37.04
N VAL A 384 -19.35 -9.40 36.67
CA VAL A 384 -18.64 -10.59 37.10
C VAL A 384 -17.56 -11.00 36.12
N TYR A 385 -17.23 -10.16 35.13
CA TYR A 385 -16.31 -10.58 34.07
C TYR A 385 -15.03 -9.76 34.10
N GLU A 386 -13.93 -10.42 33.75
CA GLU A 386 -12.62 -9.79 33.64
C GLU A 386 -11.79 -10.53 32.58
N LEU A 387 -10.58 -10.04 32.33
CA LEU A 387 -9.71 -10.57 31.30
C LEU A 387 -8.61 -11.44 31.90
N LEU A 388 -8.22 -12.48 31.15
CA LEU A 388 -7.19 -13.42 31.57
C LEU A 388 -5.92 -13.09 30.77
N CYS A 389 -4.92 -12.46 31.44
CA CYS A 389 -3.79 -12.03 30.63
C CYS A 389 -2.77 -13.15 30.49
N PRO A 390 -2.09 -13.22 29.34
CA PRO A 390 -1.10 -14.30 29.14
C PRO A 390 0.11 -14.21 30.09
N ASP A 391 0.28 -13.09 30.81
CA ASP A 391 1.32 -12.99 31.83
C ASP A 391 0.87 -13.51 33.20
N ASN A 392 -0.20 -14.30 33.23
CA ASN A 392 -0.65 -14.99 34.43
C ASN A 392 -1.22 -14.05 35.48
N THR A 393 -1.72 -12.88 35.05
CA THR A 393 -2.53 -12.01 35.89
C THR A 393 -3.91 -11.84 35.27
N ARG A 394 -4.81 -11.22 36.02
CA ARG A 394 -6.15 -10.88 35.57
C ARG A 394 -6.36 -9.37 35.68
N LYS A 395 -7.13 -8.80 34.75
CA LYS A 395 -7.27 -7.36 34.66
C LYS A 395 -8.69 -7.02 34.22
N PRO A 396 -9.15 -5.80 34.49
CA PRO A 396 -10.53 -5.42 34.17
C PRO A 396 -10.79 -5.39 32.67
N LEU A 397 -12.09 -5.42 32.34
CA LEU A 397 -12.52 -5.48 30.95
C LEU A 397 -11.95 -4.34 30.12
N ASN A 398 -11.82 -3.16 30.71
CA ASN A 398 -11.41 -2.03 29.88
C ASN A 398 -9.90 -1.98 29.70
N LYS A 399 -9.17 -2.91 30.27
CA LYS A 399 -7.71 -2.95 30.13
C LYS A 399 -7.25 -3.91 29.03
N TYR A 400 -8.12 -4.24 28.06
CA TYR A 400 -7.74 -5.22 27.05
C TYR A 400 -6.48 -4.81 26.27
N LYS A 401 -6.21 -3.50 26.14
CA LYS A 401 -5.02 -3.09 25.40
C LYS A 401 -3.73 -3.53 26.07
N GLU A 402 -3.76 -3.86 27.35
CA GLU A 402 -2.58 -4.40 28.00
C GLU A 402 -2.84 -5.79 28.59
N CYS A 403 -3.93 -6.45 28.17
CA CYS A 403 -4.31 -7.77 28.67
C CYS A 403 -5.01 -8.51 27.52
N ASN A 404 -4.22 -9.03 26.59
CA ASN A 404 -4.81 -9.51 25.35
C ASN A 404 -3.92 -10.58 24.73
N LEU A 405 -4.47 -11.25 23.72
CA LEU A 405 -3.77 -12.31 23.00
C LEU A 405 -3.30 -11.86 21.63
N GLY A 406 -3.14 -10.55 21.42
CA GLY A 406 -2.63 -9.99 20.17
C GLY A 406 -3.67 -9.12 19.48
N LYS A 407 -3.22 -8.13 18.71
CA LYS A 407 -4.10 -7.49 17.73
C LYS A 407 -4.46 -8.51 16.64
N VAL A 408 -5.70 -8.43 16.13
CA VAL A 408 -6.12 -9.28 15.01
C VAL A 408 -6.47 -8.42 13.80
N PRO A 409 -6.38 -8.97 12.58
CA PRO A 409 -6.68 -8.17 11.38
C PRO A 409 -8.12 -7.71 11.34
N ALA A 410 -8.39 -6.74 10.48
CA ALA A 410 -9.76 -6.40 10.16
C ALA A 410 -10.47 -7.59 9.51
N ASP A 411 -11.79 -7.57 9.56
CA ASP A 411 -12.65 -8.49 8.83
C ASP A 411 -13.17 -7.79 7.59
N ALA A 412 -13.68 -8.57 6.63
CA ALA A 412 -13.98 -7.97 5.34
C ALA A 412 -15.13 -8.69 4.64
N VAL A 413 -15.84 -7.92 3.81
CA VAL A 413 -16.68 -8.50 2.78
C VAL A 413 -15.78 -9.05 1.68
N VAL A 414 -16.06 -10.29 1.23
CA VAL A 414 -15.29 -10.94 0.17
C VAL A 414 -16.20 -11.20 -1.02
N THR A 415 -15.56 -11.41 -2.17
CA THR A 415 -16.24 -11.88 -3.37
C THR A 415 -15.23 -12.65 -4.21
N ARG A 416 -15.66 -13.09 -5.40
CA ARG A 416 -14.77 -13.86 -6.27
C ARG A 416 -13.56 -13.03 -6.69
N LYS A 417 -12.41 -13.70 -6.83
CA LYS A 417 -11.22 -12.99 -7.30
C LYS A 417 -11.49 -12.22 -8.58
N ALA A 418 -12.34 -12.77 -9.46
CA ALA A 418 -12.59 -12.15 -10.76
C ALA A 418 -13.19 -10.76 -10.62
N GLY A 419 -13.97 -10.52 -9.56
CA GLY A 419 -14.47 -9.18 -9.30
C GLY A 419 -15.62 -8.74 -10.19
N ASP A 420 -16.40 -9.68 -10.71
CA ASP A 420 -17.51 -9.31 -11.60
C ASP A 420 -18.59 -8.51 -10.88
N LYS A 421 -18.73 -8.67 -9.57
CA LYS A 421 -19.78 -7.97 -8.82
C LYS A 421 -19.24 -6.94 -7.83
N THR A 422 -17.93 -6.71 -7.80
CA THR A 422 -17.33 -5.78 -6.84
C THR A 422 -18.02 -4.42 -6.88
N LYS A 423 -18.18 -3.85 -8.08
CA LYS A 423 -18.82 -2.54 -8.18
C LYS A 423 -20.24 -2.58 -7.64
N ASP A 424 -21.04 -3.56 -8.08
CA ASP A 424 -22.41 -3.65 -7.62
C ASP A 424 -22.47 -3.78 -6.11
N ILE A 425 -21.55 -4.55 -5.52
CA ILE A 425 -21.55 -4.74 -4.07
C ILE A 425 -21.17 -3.46 -3.36
N ASN A 426 -20.14 -2.77 -3.86
CA ASN A 426 -19.73 -1.51 -3.25
C ASN A 426 -20.84 -0.46 -3.39
N ASP A 427 -21.36 -0.29 -4.61
CA ASP A 427 -22.42 0.69 -4.81
C ASP A 427 -23.56 0.45 -3.85
N PHE A 428 -23.97 -0.81 -3.69
CA PHE A 428 -25.12 -1.07 -2.83
C PHE A 428 -24.81 -0.66 -1.40
N LEU A 429 -23.64 -1.04 -0.90
CA LEU A 429 -23.34 -0.77 0.51
C LEU A 429 -23.08 0.72 0.74
N LEU A 430 -22.50 1.41 -0.24
CA LEU A 430 -22.33 2.84 -0.12
C LEU A 430 -23.68 3.54 0.00
N GLU A 431 -24.65 3.13 -0.83
CA GLU A 431 -25.95 3.78 -0.82
C GLU A 431 -26.74 3.39 0.41
N ALA A 432 -26.65 2.12 0.83
CA ALA A 432 -27.37 1.72 2.03
C ALA A 432 -26.89 2.52 3.24
N GLN A 433 -25.59 2.77 3.33
CA GLN A 433 -25.04 3.49 4.47
C GLN A 433 -25.39 4.97 4.41
N LYS A 434 -25.31 5.57 3.23
CA LYS A 434 -25.82 6.93 3.05
C LYS A 434 -27.26 7.05 3.53
N LYS A 435 -28.12 6.11 3.14
CA LYS A 435 -29.53 6.11 3.53
C LYS A 435 -29.75 5.60 4.95
N LYS A 436 -28.71 5.14 5.64
CA LYS A 436 -28.81 4.74 7.05
C LYS A 436 -29.71 3.50 7.22
N CYS A 437 -29.63 2.57 6.27
CA CYS A 437 -30.35 1.30 6.47
C CYS A 437 -29.79 0.57 7.68
N LYS A 438 -30.55 -0.40 8.17
CA LYS A 438 -30.22 -1.09 9.43
C LYS A 438 -29.26 -2.25 9.17
N LEU A 439 -28.05 -1.90 8.72
CA LEU A 439 -27.07 -2.93 8.39
C LEU A 439 -26.44 -3.56 9.63
N PHE A 440 -26.25 -2.79 10.73
CA PHE A 440 -25.32 -3.19 11.79
C PHE A 440 -26.00 -3.51 13.12
N GLY A 441 -27.30 -3.80 13.11
CA GLY A 441 -27.93 -4.42 14.27
C GLY A 441 -29.15 -5.19 13.78
N SER A 442 -29.80 -5.87 14.72
CA SER A 442 -31.05 -6.54 14.40
C SER A 442 -31.73 -7.12 15.64
N PRO A 443 -33.06 -7.11 15.69
CA PRO A 443 -33.76 -7.78 16.80
C PRO A 443 -33.52 -9.28 16.84
N HIS A 444 -33.19 -9.90 15.70
CA HIS A 444 -33.07 -11.35 15.65
C HIS A 444 -31.80 -11.87 16.33
N GLY A 445 -30.83 -11.00 16.59
CA GLY A 445 -29.60 -11.44 17.22
C GLY A 445 -28.44 -10.55 16.86
N LYS A 446 -27.30 -10.88 17.47
CA LYS A 446 -26.09 -10.07 17.37
C LYS A 446 -25.14 -10.61 16.30
N ASP A 447 -24.54 -9.69 15.53
CA ASP A 447 -23.48 -9.99 14.57
C ASP A 447 -24.02 -10.71 13.34
N LEU A 448 -25.28 -10.43 12.98
CA LEU A 448 -25.88 -11.03 11.80
C LEU A 448 -25.47 -10.22 10.57
N MET A 449 -24.97 -10.93 9.55
CA MET A 449 -24.52 -10.30 8.32
C MET A 449 -23.21 -9.58 8.52
N PHE A 450 -23.17 -8.62 9.45
CA PHE A 450 -21.96 -7.89 9.80
C PHE A 450 -21.79 -7.87 11.31
N ASP A 451 -20.56 -7.60 11.74
CA ASP A 451 -20.31 -7.36 13.15
C ASP A 451 -21.19 -6.21 13.63
N ASP A 452 -21.87 -6.42 14.76
CA ASP A 452 -22.67 -5.33 15.34
C ASP A 452 -21.83 -4.11 15.68
N SER A 453 -20.56 -4.31 16.04
CA SER A 453 -19.68 -3.19 16.37
C SER A 453 -19.31 -2.35 15.15
N THR A 454 -19.54 -2.83 13.94
CA THR A 454 -19.19 -2.10 12.74
C THR A 454 -19.98 -0.79 12.64
N THR A 455 -19.32 0.27 12.17
CA THR A 455 -19.98 1.55 11.94
C THR A 455 -19.94 2.00 10.50
N HIS A 456 -18.85 1.75 9.78
CA HIS A 456 -18.77 2.12 8.38
C HIS A 456 -17.96 1.07 7.64
N LEU A 457 -18.33 0.84 6.38
CA LEU A 457 -17.62 -0.07 5.49
C LEU A 457 -17.19 0.71 4.26
N ALA A 458 -15.88 0.72 3.98
CA ALA A 458 -15.30 1.41 2.85
C ALA A 458 -14.70 0.42 1.86
N PRO A 459 -14.63 0.78 0.57
CA PRO A 459 -13.93 -0.08 -0.38
C PRO A 459 -12.45 -0.15 -0.08
N LEU A 460 -11.86 -1.33 -0.31
CA LEU A 460 -10.43 -1.55 -0.19
C LEU A 460 -9.72 -1.18 -1.48
N PRO A 461 -8.42 -0.94 -1.42
CA PRO A 461 -7.65 -0.74 -2.65
C PRO A 461 -7.99 -1.82 -3.67
N SER A 462 -8.07 -1.42 -4.95
CA SER A 462 -8.53 -2.32 -5.99
C SER A 462 -7.63 -3.55 -6.14
N GLU A 463 -6.33 -3.41 -5.92
CA GLU A 463 -5.41 -4.53 -6.07
C GLU A 463 -5.16 -5.28 -4.78
N ILE A 464 -5.98 -5.06 -3.75
CA ILE A 464 -5.74 -5.72 -2.49
C ILE A 464 -6.10 -7.21 -2.61
N ASP A 465 -5.33 -8.04 -1.94
CA ASP A 465 -5.60 -9.47 -1.80
C ASP A 465 -5.41 -9.81 -0.33
N ALA A 466 -5.63 -11.07 0.03
CA ALA A 466 -5.56 -11.43 1.44
C ALA A 466 -4.19 -11.12 2.02
N PHE A 467 -3.12 -11.34 1.24
CA PHE A 467 -1.79 -11.08 1.76
C PHE A 467 -1.64 -9.62 2.19
N PHE A 468 -2.04 -8.68 1.34
CA PHE A 468 -1.87 -7.26 1.63
C PHE A 468 -2.91 -6.76 2.61
N PHE A 469 -4.11 -7.36 2.61
CA PHE A 469 -5.13 -6.99 3.59
C PHE A 469 -4.75 -7.46 4.99
N LEU A 470 -4.34 -8.73 5.14
CA LEU A 470 -4.01 -9.23 6.48
C LEU A 470 -2.63 -8.75 6.91
N GLY A 471 -1.72 -8.57 5.96
CA GLY A 471 -0.34 -8.20 6.21
C GLY A 471 0.54 -9.42 6.42
N VAL A 472 1.82 -9.27 6.11
CA VAL A 472 2.73 -10.41 5.99
C VAL A 472 2.85 -11.18 7.30
N LYS A 473 2.76 -10.49 8.44
CA LYS A 473 2.91 -11.15 9.73
C LYS A 473 1.73 -12.09 10.01
N TRP A 474 0.51 -11.59 9.84
CA TRP A 474 -0.66 -12.42 10.15
C TRP A 474 -0.87 -13.49 9.06
N TYR A 475 -0.61 -13.15 7.81
CA TYR A 475 -0.67 -14.17 6.74
C TYR A 475 0.24 -15.36 7.06
N ASN A 476 1.52 -15.10 7.32
CA ASN A 476 2.43 -16.21 7.63
C ASN A 476 1.99 -16.96 8.89
N ALA A 477 1.57 -16.23 9.92
CA ALA A 477 1.11 -16.87 11.15
C ALA A 477 -0.05 -17.81 10.88
N MET A 478 -0.97 -17.40 10.03
CA MET A 478 -2.09 -18.28 9.71
C MET A 478 -1.59 -19.47 8.89
N LYS A 479 -0.78 -19.22 7.87
CA LYS A 479 -0.19 -20.32 7.10
C LYS A 479 0.54 -21.30 8.01
N ALA A 480 1.29 -20.78 8.98
CA ALA A 480 2.11 -21.62 9.84
C ALA A 480 1.29 -22.61 10.67
N LEU A 481 0.00 -22.36 10.87
CA LEU A 481 -0.82 -23.32 11.62
C LEU A 481 -1.30 -24.49 10.77
N THR A 482 -1.14 -24.42 9.45
CA THR A 482 -1.67 -25.42 8.55
C THR A 482 -0.60 -26.29 7.88
N GLU A 483 0.58 -25.74 7.64
CA GLU A 483 1.63 -26.47 6.95
C GLU A 483 2.98 -26.13 7.55
N ASP A 484 3.92 -27.07 7.44
CA ASP A 484 5.29 -26.81 7.83
C ASP A 484 5.93 -25.95 6.74
N VAL A 485 6.00 -24.64 6.98
CA VAL A 485 6.50 -23.69 5.98
C VAL A 485 8.02 -23.68 6.07
N LYS A 486 8.67 -24.43 5.19
CA LYS A 486 10.13 -24.45 5.14
C LYS A 486 10.64 -23.09 4.70
N LEU A 487 11.57 -22.52 5.46
CA LEU A 487 12.00 -21.17 5.15
C LEU A 487 13.21 -21.20 4.21
N PRO A 488 13.15 -20.48 3.09
CA PRO A 488 14.26 -20.53 2.11
C PRO A 488 15.58 -20.06 2.71
N SER A 489 16.66 -20.65 2.21
CA SER A 489 17.98 -20.42 2.79
C SER A 489 18.42 -18.98 2.61
N LYS A 490 19.08 -18.45 3.63
CA LYS A 490 19.68 -17.11 3.56
C LYS A 490 20.96 -17.10 2.74
N ASN A 491 21.49 -18.26 2.35
CA ASN A 491 22.68 -18.32 1.51
C ASN A 491 22.34 -18.44 0.03
N LYS A 492 21.06 -18.43 -0.31
CA LYS A 492 20.58 -18.60 -1.67
C LYS A 492 19.75 -17.38 -2.05
N VAL A 493 20.11 -16.74 -3.17
CA VAL A 493 19.33 -15.64 -3.73
C VAL A 493 18.47 -16.20 -4.84
N ARG A 494 17.15 -16.14 -4.67
CA ARG A 494 16.23 -16.49 -5.74
C ARG A 494 16.04 -15.25 -6.61
N TRP A 495 16.55 -15.29 -7.84
CA TRP A 495 16.45 -14.15 -8.74
C TRP A 495 15.14 -14.22 -9.52
N CYS A 496 14.50 -13.07 -9.70
CA CYS A 496 13.22 -12.99 -10.40
C CYS A 496 13.44 -12.54 -11.83
N THR A 497 12.86 -13.26 -12.78
CA THR A 497 13.11 -12.99 -14.19
C THR A 497 11.80 -12.61 -14.86
N ILE A 498 11.89 -11.77 -15.89
CA ILE A 498 10.70 -11.21 -16.51
C ILE A 498 10.48 -11.70 -17.93
N ASN A 499 11.30 -12.61 -18.44
CA ASN A 499 11.11 -13.20 -19.76
C ASN A 499 11.96 -14.47 -19.85
N LYS A 500 11.70 -15.25 -20.90
CA LYS A 500 12.32 -16.58 -21.02
C LYS A 500 13.83 -16.50 -21.21
N PRO A 501 14.34 -15.61 -22.06
CA PRO A 501 15.79 -15.46 -22.15
C PRO A 501 16.46 -15.16 -20.80
N GLU A 502 15.88 -14.28 -20.00
CA GLU A 502 16.40 -14.03 -18.64
C GLU A 502 16.35 -15.31 -17.82
N MET A 503 15.25 -16.05 -17.91
CA MET A 503 15.13 -17.29 -17.16
C MET A 503 16.22 -18.27 -17.57
N MET A 504 16.59 -18.26 -18.85
CA MET A 504 17.59 -19.20 -19.34
C MET A 504 18.97 -18.78 -18.88
N LYS A 505 19.28 -17.48 -18.98
CA LYS A 505 20.55 -17.00 -18.44
C LYS A 505 20.64 -17.23 -16.95
N CYS A 506 19.51 -17.17 -16.23
CA CYS A 506 19.58 -17.38 -14.79
C CYS A 506 19.78 -18.85 -14.44
N LYS A 507 19.25 -19.77 -15.26
CA LYS A 507 19.54 -21.18 -15.03
C LYS A 507 20.99 -21.53 -15.32
N ASP A 508 21.61 -20.85 -16.30
CA ASP A 508 23.05 -21.02 -16.49
C ASP A 508 23.82 -20.52 -15.27
N TRP A 509 23.37 -19.40 -14.68
CA TRP A 509 24.02 -18.88 -13.48
C TRP A 509 23.88 -19.86 -12.31
N ALA A 510 22.69 -20.42 -12.13
CA ALA A 510 22.48 -21.37 -11.04
C ALA A 510 23.39 -22.57 -11.19
N ALA A 511 23.56 -23.07 -12.43
CA ALA A 511 24.36 -24.26 -12.65
C ALA A 511 25.80 -24.06 -12.17
N VAL A 512 26.38 -22.87 -12.38
CA VAL A 512 27.75 -22.64 -11.93
C VAL A 512 27.84 -22.04 -10.54
N SER A 513 26.73 -21.61 -9.96
CA SER A 513 26.78 -20.87 -8.71
C SER A 513 26.97 -21.79 -7.52
N GLY A 514 26.83 -23.09 -7.71
CA GLY A 514 26.88 -24.02 -6.60
C GLY A 514 25.80 -23.72 -5.57
N GLY A 515 24.57 -23.51 -6.04
CA GLY A 515 23.43 -23.32 -5.17
C GLY A 515 23.20 -21.88 -4.71
N ALA A 516 24.20 -20.99 -4.85
CA ALA A 516 24.02 -19.62 -4.42
C ALA A 516 22.92 -18.89 -5.20
N ILE A 517 22.58 -19.33 -6.41
CA ILE A 517 21.60 -18.64 -7.23
C ILE A 517 20.51 -19.62 -7.63
N ALA A 518 19.25 -19.18 -7.51
CA ALA A 518 18.10 -19.90 -8.06
C ALA A 518 17.27 -18.92 -8.88
N CYS A 519 16.17 -19.38 -9.47
CA CYS A 519 15.42 -18.54 -10.40
C CYS A 519 13.93 -18.71 -10.19
N THR A 520 13.21 -17.62 -10.43
CA THR A 520 11.76 -17.58 -10.45
C THR A 520 11.35 -16.81 -11.69
N GLU A 521 10.12 -17.01 -12.12
CA GLU A 521 9.62 -16.39 -13.34
C GLU A 521 8.44 -15.50 -13.03
N ALA A 522 8.42 -14.33 -13.65
CA ALA A 522 7.33 -13.38 -13.55
C ALA A 522 7.17 -12.76 -14.93
N SER A 523 6.07 -12.03 -15.12
CA SER A 523 5.80 -11.46 -16.44
C SER A 523 6.30 -10.03 -16.59
N CYS A 524 6.61 -9.33 -15.49
CA CYS A 524 7.03 -7.95 -15.55
C CYS A 524 7.66 -7.55 -14.23
N PRO A 525 8.39 -6.45 -14.20
CA PRO A 525 9.07 -6.06 -12.95
C PRO A 525 8.13 -5.89 -11.77
N GLU A 526 6.94 -5.32 -11.96
CA GLU A 526 6.05 -5.14 -10.80
C GLU A 526 5.67 -6.49 -10.18
N HIS A 527 5.47 -7.52 -11.00
CA HIS A 527 5.14 -8.82 -10.42
C HIS A 527 6.34 -9.39 -9.68
N CYS A 528 7.55 -9.06 -10.11
CA CYS A 528 8.74 -9.43 -9.34
C CYS A 528 8.74 -8.76 -7.96
N VAL A 529 8.39 -7.47 -7.91
CA VAL A 529 8.29 -6.79 -6.61
C VAL A 529 7.31 -7.53 -5.70
N LYS A 530 6.14 -7.90 -6.24
CA LYS A 530 5.17 -8.66 -5.46
C LYS A 530 5.76 -9.97 -4.95
N GLN A 531 6.50 -10.68 -5.81
CA GLN A 531 7.04 -11.98 -5.40
C GLN A 531 8.02 -11.80 -4.26
N ILE A 532 8.85 -10.76 -4.34
CA ILE A 532 9.83 -10.52 -3.29
C ILE A 532 9.12 -10.19 -1.97
N LEU A 533 8.12 -9.29 -2.03
CA LEU A 533 7.32 -9.00 -0.84
C LEU A 533 6.73 -10.27 -0.24
N LYS A 534 6.20 -11.17 -1.08
CA LYS A 534 5.55 -12.36 -0.57
C LYS A 534 6.52 -13.50 -0.23
N GLY A 535 7.83 -13.26 -0.31
CA GLY A 535 8.79 -14.32 0.01
C GLY A 535 8.94 -15.39 -1.06
N GLU A 536 8.50 -15.12 -2.30
CA GLU A 536 8.68 -16.05 -3.41
C GLU A 536 9.97 -15.82 -4.19
N ALA A 537 10.51 -14.60 -4.16
CA ALA A 537 11.81 -14.31 -4.77
C ALA A 537 12.61 -13.47 -3.81
N ASP A 538 13.88 -13.21 -4.14
CA ASP A 538 14.74 -12.46 -3.24
C ASP A 538 15.33 -11.21 -3.85
N ALA A 539 15.37 -11.08 -5.16
CA ALA A 539 16.03 -9.92 -5.74
C ALA A 539 15.61 -9.76 -7.19
N VAL A 540 15.74 -8.53 -7.67
CA VAL A 540 15.48 -8.21 -9.07
C VAL A 540 16.11 -6.86 -9.32
N THR A 541 16.48 -6.62 -10.57
CA THR A 541 17.02 -5.36 -11.01
C THR A 541 15.89 -4.52 -11.58
N LEU A 542 15.76 -3.28 -11.12
CA LEU A 542 14.65 -2.42 -11.53
C LEU A 542 15.16 -1.19 -12.28
N ASP A 543 14.49 -0.87 -13.39
CA ASP A 543 14.66 0.44 -14.01
C ASP A 543 14.21 1.54 -13.04
N VAL A 544 14.71 2.75 -13.27
CA VAL A 544 14.36 3.89 -12.44
C VAL A 544 12.84 4.03 -12.35
N GLN A 545 12.15 3.90 -13.48
CA GLN A 545 10.70 4.09 -13.55
C GLN A 545 9.91 3.13 -12.65
N TYR A 546 10.59 2.22 -11.96
CA TYR A 546 9.89 1.30 -11.07
C TYR A 546 10.34 1.41 -9.62
N MET A 547 11.38 2.19 -9.34
CA MET A 547 11.87 2.29 -7.97
C MET A 547 10.89 3.01 -7.03
N TYR A 548 10.20 4.05 -7.51
CA TYR A 548 9.25 4.72 -6.61
C TYR A 548 8.27 3.70 -6.05
N MET A 549 7.68 2.90 -6.93
CA MET A 549 6.75 1.87 -6.47
C MET A 549 7.43 0.87 -5.53
N ALA A 550 8.63 0.42 -5.86
CA ALA A 550 9.30 -0.57 -5.01
C ALA A 550 9.70 0.00 -3.66
N LEU A 551 10.19 1.24 -3.63
CA LEU A 551 10.51 1.84 -2.34
C LEU A 551 9.24 2.08 -1.50
N MET A 552 8.16 2.59 -2.12
CA MET A 552 6.91 2.80 -1.37
C MET A 552 6.42 1.50 -0.74
N CYS A 553 6.54 0.37 -1.46
CA CYS A 553 6.14 -0.92 -0.90
C CYS A 553 7.08 -1.42 0.20
N GLY A 554 8.21 -0.77 0.40
CA GLY A 554 9.10 -1.16 1.48
C GLY A 554 10.32 -1.96 1.10
N LEU A 555 10.59 -2.16 -0.19
CA LEU A 555 11.85 -2.80 -0.56
C LEU A 555 12.98 -1.78 -0.50
N LEU A 556 14.21 -2.31 -0.46
CA LEU A 556 15.39 -1.45 -0.34
C LEU A 556 16.41 -1.77 -1.41
N PRO A 557 17.11 -0.77 -1.93
CA PRO A 557 18.28 -1.06 -2.77
C PRO A 557 19.28 -1.88 -1.99
N ALA A 558 19.76 -2.97 -2.60
CA ALA A 558 20.86 -3.74 -2.03
C ALA A 558 22.20 -3.36 -2.66
N VAL A 559 22.30 -3.51 -3.98
CA VAL A 559 23.44 -3.04 -4.74
C VAL A 559 22.88 -2.28 -5.95
N GLU A 560 23.75 -1.55 -6.65
CA GLU A 560 23.34 -0.76 -7.80
C GLU A 560 24.30 -1.01 -8.97
N GLU A 561 23.79 -0.84 -10.18
CA GLU A 561 24.59 -0.99 -11.40
C GLU A 561 25.44 0.26 -11.60
N TYR A 562 26.76 0.10 -11.49
CA TYR A 562 27.71 1.18 -11.76
C TYR A 562 28.08 1.15 -13.23
N PRO A 563 27.75 2.17 -14.01
CA PRO A 563 27.92 2.12 -15.48
C PRO A 563 29.11 2.90 -16.04
N ASN A 564 30.01 3.41 -15.20
CA ASN A 564 31.03 4.38 -15.62
C ASN A 564 32.23 3.67 -16.24
N LYS A 565 32.38 3.78 -17.57
CA LYS A 565 33.48 3.13 -18.27
C LYS A 565 34.81 3.86 -18.10
N ASP A 566 34.80 5.12 -17.66
CA ASP A 566 36.02 5.91 -17.55
C ASP A 566 36.69 5.79 -16.19
N ASP A 567 36.24 4.87 -15.34
CA ASP A 567 36.86 4.69 -14.03
C ASP A 567 36.40 3.35 -13.48
N PHE A 568 37.34 2.41 -13.35
CA PHE A 568 37.08 1.09 -12.81
C PHE A 568 37.59 0.94 -11.39
N HIS A 569 38.11 2.03 -10.80
CA HIS A 569 38.65 1.96 -9.45
C HIS A 569 37.62 1.48 -8.43
N PRO A 570 36.39 2.00 -8.40
CA PRO A 570 35.41 1.49 -7.43
C PRO A 570 35.12 0.01 -7.60
N CYS A 571 35.34 -0.54 -8.79
CA CYS A 571 35.10 -1.97 -9.01
C CYS A 571 36.30 -2.82 -8.59
N GLN A 572 37.52 -2.38 -8.88
CA GLN A 572 38.70 -3.13 -8.47
C GLN A 572 38.78 -3.20 -6.93
N ILE A 573 38.87 -2.04 -6.28
CA ILE A 573 38.90 -1.97 -4.83
C ILE A 573 37.49 -1.64 -4.31
N PRO A 574 36.71 -2.63 -3.88
CA PRO A 574 35.42 -2.32 -3.25
C PRO A 574 35.61 -1.41 -2.05
N GLY A 575 34.69 -0.47 -1.89
CA GLY A 575 34.68 0.47 -0.78
C GLY A 575 35.24 1.84 -1.11
N SER A 576 36.22 1.91 -2.01
CA SER A 576 36.86 3.18 -2.33
C SER A 576 35.81 4.19 -2.73
N THR A 577 36.17 5.47 -2.67
CA THR A 577 35.23 6.54 -2.93
C THR A 577 35.05 6.75 -4.43
N ILE A 578 33.81 6.96 -4.85
CA ILE A 578 33.48 7.08 -6.26
C ILE A 578 33.53 8.55 -6.64
N LYS A 579 34.26 8.85 -7.72
CA LYS A 579 34.35 10.23 -8.19
C LYS A 579 33.08 10.63 -8.93
N ASP A 580 32.64 9.79 -9.86
CA ASP A 580 31.46 10.06 -10.68
C ASP A 580 30.77 8.74 -10.95
N PHE A 581 29.55 8.57 -10.45
CA PHE A 581 28.84 7.32 -10.67
C PHE A 581 28.62 7.07 -12.16
N GLY A 582 28.58 8.12 -12.96
CA GLY A 582 28.53 7.96 -14.40
C GLY A 582 27.15 7.82 -14.99
N THR A 583 26.09 7.98 -14.20
CA THR A 583 24.75 7.95 -14.77
C THR A 583 24.57 9.13 -15.71
N LYS A 584 23.55 9.05 -16.56
CA LYS A 584 23.26 10.15 -17.46
C LYS A 584 22.75 11.36 -16.67
N ARG A 585 22.90 12.54 -17.27
CA ARG A 585 22.39 13.79 -16.73
C ARG A 585 21.51 14.45 -17.79
N ALA A 586 20.23 14.63 -17.48
CA ALA A 586 19.37 15.36 -18.40
C ALA A 586 19.77 16.83 -18.41
N VAL A 587 19.81 17.42 -19.60
CA VAL A 587 20.23 18.81 -19.77
C VAL A 587 19.31 19.50 -20.76
N ALA A 588 19.27 20.81 -20.66
CA ALA A 588 18.61 21.65 -21.67
C ALA A 588 19.69 22.18 -22.61
N LEU A 589 19.62 21.73 -23.87
CA LEU A 589 20.64 22.05 -24.87
C LEU A 589 20.11 23.15 -25.79
N VAL A 590 20.88 24.25 -25.88
CA VAL A 590 20.57 25.35 -26.78
C VAL A 590 21.83 25.79 -27.51
N LYS A 591 21.63 26.41 -28.67
CA LYS A 591 22.74 26.92 -29.47
C LYS A 591 23.33 28.18 -28.83
N LYS A 592 24.63 28.39 -29.05
CA LYS A 592 25.28 29.60 -28.56
C LYS A 592 24.75 30.85 -29.26
N SER A 593 24.08 30.69 -30.40
CA SER A 593 23.46 31.83 -31.07
C SER A 593 22.34 32.44 -30.22
N ASN A 594 21.37 31.62 -29.82
CA ASN A 594 20.26 32.08 -28.98
C ASN A 594 20.77 32.56 -27.63
N LYS A 595 20.85 33.87 -27.43
CA LYS A 595 21.34 34.43 -26.18
C LYS A 595 20.21 34.93 -25.29
N ASP A 596 18.97 34.98 -25.79
CA ASP A 596 17.83 35.42 -24.98
C ASP A 596 17.18 34.28 -24.21
N ILE A 597 17.37 33.05 -24.64
CA ILE A 597 16.64 31.90 -24.09
C ILE A 597 17.33 31.45 -22.81
N LYS A 598 16.72 31.72 -21.66
CA LYS A 598 17.13 31.16 -20.39
C LYS A 598 16.11 30.09 -19.97
N TRP A 599 16.30 29.53 -18.78
CA TRP A 599 15.38 28.49 -18.33
C TRP A 599 13.97 29.04 -18.13
N ASN A 600 13.84 30.22 -17.50
CA ASN A 600 12.52 30.70 -17.08
C ASN A 600 11.62 31.11 -18.24
N ASN A 601 12.16 31.36 -19.43
CA ASN A 601 11.34 31.82 -20.54
C ASN A 601 11.10 30.74 -21.59
N LEU A 602 11.39 29.48 -21.28
CA LEU A 602 11.17 28.39 -22.23
C LEU A 602 9.73 28.31 -22.71
N LYS A 603 8.79 28.99 -22.07
CA LYS A 603 7.40 28.87 -22.47
C LYS A 603 7.22 29.36 -23.90
N GLY A 604 6.45 28.60 -24.67
CA GLY A 604 6.15 28.96 -26.05
C GLY A 604 7.28 28.77 -27.05
N LYS A 605 8.44 28.29 -26.61
CA LYS A 605 9.57 28.12 -27.52
C LYS A 605 9.48 26.79 -28.27
N LYS A 606 10.50 26.51 -29.09
CA LYS A 606 10.58 25.29 -29.88
C LYS A 606 11.47 24.28 -29.16
N SER A 607 10.91 23.14 -28.82
CA SER A 607 11.62 22.13 -28.05
C SER A 607 11.72 20.84 -28.85
N CYS A 608 12.80 20.11 -28.61
CA CYS A 608 13.04 18.82 -29.25
C CYS A 608 13.22 17.77 -28.16
N HIS A 609 12.38 16.74 -28.20
CA HIS A 609 12.40 15.67 -27.20
C HIS A 609 12.79 14.36 -27.87
N THR A 610 13.71 13.62 -27.25
CA THR A 610 14.07 12.30 -27.76
C THR A 610 12.84 11.45 -28.04
N HIS A 611 11.90 11.39 -27.10
CA HIS A 611 10.60 10.75 -27.31
C HIS A 611 9.83 10.74 -26.01
N VAL A 612 8.51 10.61 -26.12
CA VAL A 612 7.67 10.55 -24.94
C VAL A 612 8.03 9.32 -24.13
N GLY A 613 8.18 9.50 -22.81
CA GLY A 613 8.47 8.41 -21.90
C GLY A 613 9.94 8.27 -21.55
N ASP A 614 10.83 8.82 -22.36
CA ASP A 614 12.24 8.82 -22.02
C ASP A 614 12.45 9.73 -20.81
N ILE A 615 13.20 9.23 -19.83
CA ILE A 615 13.41 9.94 -18.57
C ILE A 615 14.18 11.23 -18.80
N PRO A 616 15.38 11.19 -19.40
CA PRO A 616 16.11 12.46 -19.57
C PRO A 616 15.48 13.40 -20.58
N GLY A 617 14.72 12.90 -21.56
CA GLY A 617 14.19 13.76 -22.59
C GLY A 617 12.74 14.19 -22.42
N TRP A 618 12.03 13.58 -21.45
CA TRP A 618 10.62 13.87 -21.29
C TRP A 618 10.18 13.91 -19.83
N VAL A 619 10.42 12.83 -19.09
CA VAL A 619 9.92 12.74 -17.72
C VAL A 619 10.52 13.83 -16.85
N ILE A 620 11.86 13.95 -16.82
CA ILE A 620 12.50 15.00 -16.03
C ILE A 620 12.04 16.39 -16.47
N PRO A 621 12.07 16.74 -17.77
CA PRO A 621 11.52 18.05 -18.16
C PRO A 621 10.04 18.18 -17.88
N ALA A 622 9.26 17.12 -18.09
CA ALA A 622 7.83 17.18 -17.80
C ALA A 622 7.58 17.52 -16.34
N GLY A 623 8.37 16.93 -15.43
CA GLY A 623 8.15 17.17 -14.02
C GLY A 623 8.48 18.60 -13.61
N LEU A 624 9.57 19.15 -14.13
CA LEU A 624 9.93 20.51 -13.76
C LEU A 624 8.90 21.51 -14.30
N ILE A 625 8.46 21.33 -15.55
CA ILE A 625 7.47 22.25 -16.11
C ILE A 625 6.16 22.16 -15.34
N SER A 626 5.78 20.95 -14.95
CA SER A 626 4.59 20.76 -14.12
C SER A 626 4.75 21.43 -12.76
N ASN A 627 5.86 21.17 -12.08
CA ASN A 627 6.09 21.71 -10.74
C ASN A 627 5.99 23.22 -10.70
N GLN A 628 6.34 23.89 -11.79
CA GLN A 628 6.49 25.33 -11.81
C GLN A 628 5.37 26.05 -12.54
N ASN A 629 4.36 25.31 -13.05
CA ASN A 629 3.32 25.94 -13.86
C ASN A 629 1.96 25.26 -13.68
N ASP A 630 1.70 24.72 -12.48
CA ASP A 630 0.36 24.26 -12.10
C ASP A 630 -0.12 23.09 -12.96
N ASN A 631 0.80 22.16 -13.22
CA ASN A 631 0.50 20.95 -13.99
C ASN A 631 -0.15 21.29 -15.33
N ILE A 632 0.35 22.34 -15.98
CA ILE A 632 -0.13 22.71 -17.31
C ILE A 632 0.57 21.81 -18.32
N ASP A 633 -0.21 21.30 -19.28
CA ASP A 633 0.28 20.30 -20.21
C ASP A 633 1.56 20.77 -20.89
N ILE A 634 2.51 19.85 -21.03
CA ILE A 634 3.73 20.16 -21.77
C ILE A 634 3.40 20.49 -23.22
N GLU A 635 2.34 19.88 -23.75
CA GLU A 635 1.89 20.22 -25.10
C GLU A 635 1.56 21.70 -25.22
N SER A 636 0.85 22.24 -24.23
CA SER A 636 0.48 23.65 -24.26
C SER A 636 1.63 24.57 -23.86
N PHE A 637 2.57 24.06 -23.06
CA PHE A 637 3.66 24.92 -22.57
C PHE A 637 4.54 25.40 -23.72
N PHE A 638 5.00 24.48 -24.55
CA PHE A 638 5.89 24.85 -25.64
C PHE A 638 5.10 25.34 -26.84
N GLY A 639 5.69 26.30 -27.56
CA GLY A 639 5.06 26.77 -28.77
C GLY A 639 4.88 25.66 -29.80
N GLU A 640 5.88 24.80 -29.93
CA GLU A 640 5.87 23.75 -30.93
C GLU A 640 7.14 22.92 -30.81
N SER A 641 7.01 21.60 -30.92
CA SER A 641 8.12 20.73 -30.57
C SER A 641 8.08 19.47 -31.43
N CYS A 642 9.12 18.67 -31.29
CA CYS A 642 9.16 17.31 -31.82
C CYS A 642 9.39 16.37 -30.65
N ALA A 643 8.39 15.54 -30.38
CA ALA A 643 8.46 14.53 -29.31
C ALA A 643 7.85 13.25 -29.85
N PRO A 644 8.64 12.39 -30.48
CA PRO A 644 8.12 11.16 -31.08
C PRO A 644 7.30 10.34 -30.09
N GLY A 645 6.13 9.88 -30.54
CA GLY A 645 5.21 9.16 -29.69
C GLY A 645 3.97 9.94 -29.32
N SER A 646 3.88 11.21 -29.69
CA SER A 646 2.70 12.03 -29.45
C SER A 646 1.69 11.82 -30.59
N ASP A 647 0.58 12.57 -30.54
CA ASP A 647 -0.42 12.52 -31.58
C ASP A 647 0.08 13.29 -32.81
N THR A 648 -0.09 12.70 -34.00
CA THR A 648 0.47 13.30 -35.21
C THR A 648 -0.06 14.71 -35.45
N ASN A 649 -1.32 14.97 -35.07
CA ASN A 649 -1.94 16.27 -35.24
C ASN A 649 -1.60 17.25 -34.11
N SER A 650 -0.74 16.86 -33.17
CA SER A 650 -0.51 17.68 -31.98
C SER A 650 0.56 18.74 -32.25
N LYS A 651 0.66 19.66 -31.29
CA LYS A 651 1.67 20.71 -31.35
C LYS A 651 3.09 20.17 -31.16
N LEU A 652 3.22 19.04 -30.48
CA LEU A 652 4.53 18.42 -30.23
C LEU A 652 5.02 17.59 -31.41
N CYS A 653 4.29 17.56 -32.52
CA CYS A 653 4.65 16.75 -33.67
C CYS A 653 4.96 17.55 -34.92
N LYS A 654 4.58 18.83 -34.97
CA LYS A 654 4.73 19.59 -36.19
C LYS A 654 6.19 19.90 -36.52
N LEU A 655 7.09 19.86 -35.54
CA LEU A 655 8.51 20.01 -35.84
C LEU A 655 9.09 18.77 -36.48
N CYS A 656 8.45 17.62 -36.31
CA CYS A 656 8.99 16.35 -36.78
C CYS A 656 8.85 16.22 -38.30
N ILE A 657 9.89 15.69 -38.94
CA ILE A 657 9.93 15.55 -40.38
C ILE A 657 9.50 14.16 -40.84
N GLY A 658 9.88 13.12 -40.12
CA GLY A 658 9.44 11.77 -40.44
C GLY A 658 10.58 10.84 -40.80
N PRO A 660 12.97 11.28 -44.42
CA PRO A 660 13.77 10.14 -44.89
C PRO A 660 13.38 9.74 -46.31
N GLU A 661 13.19 8.45 -46.53
CA GLU A 661 12.39 8.01 -47.67
C GLU A 661 10.92 8.34 -47.36
N ASN A 662 10.32 9.21 -48.16
CA ASN A 662 8.97 9.69 -47.86
C ASN A 662 7.93 8.67 -48.32
N PRO A 663 7.02 8.21 -47.44
CA PRO A 663 5.99 7.21 -47.79
C PRO A 663 4.78 7.83 -48.48
N SER A 666 9.29 7.45 -43.12
CA SER A 666 8.95 8.71 -42.45
C SER A 666 7.99 8.46 -41.29
N THR A 667 6.69 8.45 -41.61
CA THR A 667 5.63 8.33 -40.60
C THR A 667 5.94 9.23 -39.40
N ARG A 668 5.74 10.54 -39.58
CA ARG A 668 6.19 11.52 -38.59
C ARG A 668 5.73 11.15 -37.19
N CYS A 669 6.58 11.46 -36.20
CA CYS A 669 6.28 11.22 -34.79
C CYS A 669 6.11 9.73 -34.51
N SER A 670 7.08 8.94 -34.97
CA SER A 670 7.12 7.51 -34.74
C SER A 670 8.21 7.18 -33.74
N LEU A 671 7.98 6.10 -33.00
CA LEU A 671 8.96 5.59 -32.04
C LEU A 671 9.96 4.67 -32.73
N SER A 672 10.46 5.10 -33.90
CA SER A 672 11.39 4.34 -34.71
C SER A 672 12.42 5.28 -35.30
N ASP A 673 13.48 4.70 -35.88
CA ASP A 673 14.45 5.50 -36.60
C ASP A 673 13.87 6.10 -37.87
N LYS A 674 12.70 5.65 -38.30
CA LYS A 674 11.99 6.31 -39.40
C LYS A 674 11.94 7.82 -39.17
N GLU A 675 11.54 8.23 -37.97
CA GLU A 675 11.56 9.64 -37.60
C GLU A 675 13.00 10.10 -37.40
N ALA A 676 13.41 11.12 -38.15
CA ALA A 676 14.79 11.59 -38.11
C ALA A 676 15.12 12.40 -36.86
N TYR A 677 14.11 12.77 -36.06
CA TYR A 677 14.36 13.50 -34.82
C TYR A 677 14.20 12.62 -33.59
N TYR A 678 14.02 11.31 -33.77
CA TYR A 678 13.89 10.37 -32.67
C TYR A 678 15.26 10.06 -32.07
N GLY A 679 15.30 9.90 -30.75
CA GLY A 679 16.48 9.43 -30.05
C GLY A 679 17.41 10.54 -29.62
N ASN A 680 18.51 10.14 -28.99
CA ASN A 680 19.50 11.10 -28.51
C ASN A 680 20.06 11.93 -29.65
N GLU A 681 20.51 11.26 -30.72
CA GLU A 681 20.97 11.98 -31.90
C GLU A 681 19.82 12.73 -32.57
N GLY A 682 18.63 12.10 -32.63
CA GLY A 682 17.52 12.70 -33.35
C GLY A 682 17.10 14.05 -32.77
N ALA A 683 16.97 14.11 -31.44
CA ALA A 683 16.67 15.38 -30.80
C ALA A 683 17.75 16.42 -31.06
N PHE A 684 19.01 15.97 -31.19
CA PHE A 684 20.10 16.90 -31.48
C PHE A 684 19.94 17.52 -32.86
N ARG A 685 19.60 16.70 -33.86
CA ARG A 685 19.28 17.23 -35.19
C ARG A 685 18.19 18.30 -35.09
N CYS A 686 17.07 17.94 -34.49
CA CYS A 686 15.94 18.85 -34.39
C CYS A 686 16.35 20.21 -33.83
N LEU A 687 17.34 20.24 -32.93
CA LEU A 687 17.76 21.50 -32.34
C LEU A 687 18.54 22.34 -33.35
N VAL A 688 19.64 21.79 -33.87
CA VAL A 688 20.46 22.51 -34.84
C VAL A 688 19.64 22.94 -36.04
N GLU A 689 18.65 22.13 -36.44
CA GLU A 689 17.84 22.42 -37.62
C GLU A 689 16.78 23.48 -37.31
N LYS A 690 15.78 23.13 -36.51
CA LYS A 690 14.59 23.97 -36.32
C LYS A 690 14.08 23.92 -34.87
N GLY A 691 14.89 24.40 -33.93
CA GLY A 691 14.47 24.42 -32.54
C GLY A 691 15.35 25.24 -31.61
N ASP A 692 14.72 25.87 -30.61
CA ASP A 692 15.47 26.67 -29.64
C ASP A 692 16.13 25.83 -28.56
N VAL A 693 15.62 24.63 -28.29
CA VAL A 693 16.07 23.84 -27.16
C VAL A 693 15.76 22.37 -27.42
N ALA A 694 16.70 21.51 -27.02
CA ALA A 694 16.49 20.07 -27.05
C ALA A 694 16.78 19.50 -25.66
N PHE A 695 15.97 18.53 -25.25
CA PHE A 695 16.13 17.86 -23.95
C PHE A 695 16.71 16.48 -24.20
N VAL A 696 17.91 16.25 -23.70
CA VAL A 696 18.68 15.06 -24.07
C VAL A 696 19.62 14.73 -22.92
N PRO A 697 20.21 13.53 -22.89
CA PRO A 697 21.27 13.26 -21.92
C PRO A 697 22.49 14.12 -22.24
N HIS A 698 23.37 14.26 -21.24
CA HIS A 698 24.49 15.17 -21.38
C HIS A 698 25.48 14.73 -22.45
N THR A 699 25.43 13.46 -22.85
CA THR A 699 26.43 12.85 -23.73
C THR A 699 26.11 13.04 -25.22
N VAL A 700 24.92 13.53 -25.56
CA VAL A 700 24.52 13.58 -26.96
C VAL A 700 25.33 14.61 -27.73
N VAL A 701 25.58 15.78 -27.12
CA VAL A 701 26.32 16.83 -27.81
C VAL A 701 27.73 16.35 -28.16
N PHE A 702 28.48 15.92 -27.15
CA PHE A 702 29.87 15.50 -27.38
C PHE A 702 29.95 14.41 -28.45
N ALA A 703 29.11 13.38 -28.34
CA ALA A 703 29.14 12.32 -29.33
C ALA A 703 28.57 12.75 -30.69
N ASN A 704 28.29 14.03 -30.95
CA ASN A 704 27.74 14.44 -32.24
C ASN A 704 28.29 15.77 -32.75
N THR A 705 29.24 16.40 -32.04
CA THR A 705 29.98 17.53 -32.53
C THR A 705 31.45 17.11 -32.70
N ASP A 706 32.33 18.09 -32.81
CA ASP A 706 33.76 17.84 -33.01
C ASP A 706 33.98 16.78 -34.10
N GLY A 707 33.11 16.81 -35.11
CA GLY A 707 33.18 15.86 -36.20
C GLY A 707 33.04 14.41 -35.80
N LYS A 708 32.36 14.14 -34.69
CA LYS A 708 32.22 12.76 -34.23
C LYS A 708 31.16 12.02 -35.02
N ASN A 709 30.17 12.72 -35.55
CA ASN A 709 29.17 12.11 -36.40
C ASN A 709 29.51 12.42 -37.84
N PRO A 710 29.69 11.42 -38.70
CA PRO A 710 30.09 11.70 -40.09
C PRO A 710 29.02 12.38 -40.90
N ALA A 711 27.74 12.20 -40.55
CA ALA A 711 26.64 12.71 -41.36
C ALA A 711 26.80 14.19 -41.68
N GLU A 712 26.11 14.64 -42.72
CA GLU A 712 26.33 15.99 -43.25
C GLU A 712 25.93 17.07 -42.24
N TRP A 713 24.70 17.00 -41.73
CA TRP A 713 24.20 18.03 -40.82
C TRP A 713 25.16 18.27 -39.66
N ALA A 714 25.68 17.19 -39.06
CA ALA A 714 26.70 17.28 -38.02
C ALA A 714 28.11 17.42 -38.57
N LYS A 715 28.24 17.89 -39.82
CA LYS A 715 29.54 18.17 -40.41
C LYS A 715 30.35 19.04 -39.48
N ASP A 716 31.27 18.44 -38.73
CA ASP A 716 32.18 19.16 -37.84
C ASP A 716 31.48 20.26 -37.06
N LEU A 717 30.26 20.01 -36.60
CA LEU A 717 29.64 20.92 -35.64
C LEU A 717 30.49 20.99 -34.39
N LYS A 718 30.67 22.19 -33.87
CA LYS A 718 31.59 22.39 -32.76
C LYS A 718 30.87 22.21 -31.42
N SER A 719 31.54 21.52 -30.49
CA SER A 719 31.01 21.39 -29.14
C SER A 719 30.98 22.72 -28.40
N GLU A 720 31.82 23.66 -28.79
CA GLU A 720 31.80 25.00 -28.22
C GLU A 720 30.68 25.87 -28.78
N ASP A 721 29.86 25.33 -29.70
CA ASP A 721 28.75 26.05 -30.30
C ASP A 721 27.45 25.91 -29.52
N PHE A 722 27.45 25.13 -28.43
CA PHE A 722 26.23 24.89 -27.66
C PHE A 722 26.50 25.07 -26.18
N GLU A 723 25.43 25.40 -25.45
CA GLU A 723 25.48 25.51 -23.99
C GLU A 723 24.26 24.82 -23.40
N ILE A 724 24.30 24.63 -22.09
CA ILE A 724 23.22 24.01 -21.33
C ILE A 724 22.61 25.03 -20.39
N LEU A 725 21.29 24.96 -20.23
CA LEU A 725 20.58 25.88 -19.34
C LEU A 725 20.63 25.40 -17.90
N CYS A 726 20.84 26.34 -16.98
CA CYS A 726 20.75 26.05 -15.56
C CYS A 726 19.39 26.51 -15.03
N LEU A 727 19.02 25.95 -13.88
CA LEU A 727 17.70 26.22 -13.33
C LEU A 727 17.60 27.61 -12.73
N ASP A 728 18.72 28.28 -12.45
CA ASP A 728 18.71 29.63 -11.92
C ASP A 728 18.67 30.69 -13.01
N GLY A 729 18.35 30.30 -14.25
CA GLY A 729 18.32 31.23 -15.35
C GLY A 729 19.67 31.48 -16.02
N SER A 730 20.76 31.03 -15.42
CA SER A 730 22.07 31.19 -16.02
C SER A 730 22.32 30.10 -17.07
N ARG A 731 23.53 30.10 -17.63
CA ARG A 731 23.95 29.12 -18.63
C ARG A 731 25.38 28.70 -18.33
N ALA A 732 25.82 27.62 -18.99
CA ALA A 732 27.17 27.09 -18.78
C ALA A 732 27.59 26.31 -20.00
N PRO A 733 28.89 26.22 -20.29
CA PRO A 733 29.35 25.37 -21.40
C PRO A 733 28.96 23.92 -21.15
N VAL A 734 28.71 23.20 -22.25
CA VAL A 734 28.18 21.85 -22.20
C VAL A 734 29.01 20.96 -21.30
N THR A 735 30.26 21.37 -21.01
CA THR A 735 31.16 20.53 -20.24
C THR A 735 30.83 20.48 -18.76
N ASN A 736 30.09 21.47 -18.23
CA ASN A 736 29.79 21.52 -16.80
C ASN A 736 28.45 20.90 -16.45
N TYR A 737 28.12 19.75 -17.04
CA TYR A 737 26.80 19.15 -16.82
C TYR A 737 26.61 18.67 -15.37
N ARG A 738 27.68 18.46 -14.61
CA ARG A 738 27.52 18.00 -13.23
C ARG A 738 26.97 19.10 -12.32
N GLY A 739 27.06 20.36 -12.72
CA GLY A 739 26.61 21.46 -11.89
C GLY A 739 25.53 22.29 -12.56
N CYS A 740 25.24 22.02 -13.86
CA CYS A 740 24.21 22.73 -14.61
C CYS A 740 23.38 21.73 -15.43
N ASN A 741 22.55 20.96 -14.73
CA ASN A 741 21.67 19.98 -15.34
C ASN A 741 20.26 20.16 -14.79
N LEU A 742 19.29 19.61 -15.53
CA LEU A 742 17.93 19.51 -15.00
C LEU A 742 17.87 18.48 -13.88
N SER A 743 18.44 17.30 -14.10
CA SER A 743 18.63 16.34 -13.02
C SER A 743 19.47 15.18 -13.50
N GLY A 744 20.31 14.65 -12.59
CA GLY A 744 20.96 13.38 -12.86
C GLY A 744 20.04 12.21 -12.52
N LEU A 745 20.12 11.16 -13.35
CA LEU A 745 19.39 9.95 -13.02
C LEU A 745 20.11 9.17 -11.93
N PRO A 746 19.38 8.51 -11.05
CA PRO A 746 20.00 7.54 -10.15
C PRO A 746 20.35 6.29 -10.92
N PRO A 747 21.31 5.49 -10.44
CA PRO A 747 21.59 4.21 -11.10
C PRO A 747 20.43 3.25 -10.92
N ARG A 748 20.39 2.25 -11.81
CA ARG A 748 19.54 1.09 -11.61
C ARG A 748 19.97 0.35 -10.35
N ALA A 749 19.01 -0.33 -9.71
CA ALA A 749 19.21 -0.90 -8.39
C ALA A 749 18.66 -2.30 -8.33
N ILE A 750 19.35 -3.15 -7.59
CA ILE A 750 18.89 -4.48 -7.23
C ILE A 750 18.20 -4.34 -5.89
N VAL A 751 16.90 -4.64 -5.84
CA VAL A 751 16.11 -4.43 -4.62
C VAL A 751 15.79 -5.77 -3.98
N THR A 752 15.59 -5.74 -2.66
CA THR A 752 15.20 -6.91 -1.89
C THR A 752 14.43 -6.44 -0.65
N ARG A 753 14.01 -7.41 0.15
CA ARG A 753 13.41 -7.11 1.45
C ARG A 753 14.45 -6.54 2.39
N GLU A 754 14.02 -5.64 3.28
CA GLU A 754 14.94 -4.98 4.19
C GLU A 754 15.80 -5.99 4.95
N GLU A 755 15.17 -6.99 5.56
CA GLU A 755 15.89 -7.96 6.37
C GLU A 755 16.79 -8.87 5.53
N SER A 756 16.71 -8.81 4.20
CA SER A 756 17.55 -9.64 3.34
C SER A 756 18.65 -8.85 2.66
N VAL A 757 18.77 -7.55 2.93
CA VAL A 757 19.76 -6.75 2.23
C VAL A 757 21.17 -7.28 2.48
N SER A 758 21.46 -7.63 3.73
CA SER A 758 22.82 -8.05 4.07
C SER A 758 23.18 -9.33 3.34
N ASP A 759 22.27 -10.30 3.35
CA ASP A 759 22.49 -11.56 2.66
C ASP A 759 22.70 -11.35 1.16
N VAL A 760 21.82 -10.58 0.53
CA VAL A 760 21.89 -10.39 -0.92
C VAL A 760 23.20 -9.70 -1.29
N VAL A 761 23.56 -8.64 -0.57
CA VAL A 761 24.83 -7.97 -0.85
C VAL A 761 25.97 -8.98 -0.78
N ARG A 762 26.01 -9.77 0.28
CA ARG A 762 27.12 -10.70 0.46
C ARG A 762 27.17 -11.70 -0.68
N ILE A 763 26.04 -12.34 -1.00
CA ILE A 763 26.02 -13.33 -2.07
C ILE A 763 26.39 -12.69 -3.40
N LEU A 764 25.80 -11.53 -3.71
CA LEU A 764 26.08 -10.92 -5.01
C LEU A 764 27.54 -10.49 -5.13
N ILE A 765 28.11 -9.89 -4.08
CA ILE A 765 29.50 -9.44 -4.18
C ILE A 765 30.41 -10.64 -4.41
N ASN A 766 30.14 -11.75 -3.72
CA ASN A 766 30.93 -12.96 -3.95
C ASN A 766 30.77 -13.44 -5.39
N GLN A 767 29.53 -13.55 -5.87
CA GLN A 767 29.33 -13.95 -7.26
C GLN A 767 30.07 -13.02 -8.21
N GLN A 768 30.10 -11.73 -7.90
CA GLN A 768 30.80 -10.78 -8.75
C GLN A 768 32.31 -11.00 -8.73
N SER A 769 32.86 -11.48 -7.63
CA SER A 769 34.29 -11.75 -7.62
C SER A 769 34.63 -12.94 -8.50
N LEU A 770 33.66 -13.80 -8.78
CA LEU A 770 33.85 -14.95 -9.67
C LEU A 770 33.45 -14.66 -11.11
N TYR A 771 32.32 -14.01 -11.34
CA TYR A 771 31.80 -13.88 -12.70
C TYR A 771 31.62 -12.45 -13.17
N GLY A 772 32.18 -11.48 -12.46
CA GLY A 772 32.18 -10.10 -12.93
C GLY A 772 33.19 -9.90 -14.04
N ARG A 773 33.30 -8.64 -14.48
CA ARG A 773 34.21 -8.33 -15.59
C ARG A 773 35.64 -8.77 -15.31
N ASN A 774 36.05 -8.77 -14.04
CA ASN A 774 37.37 -9.25 -13.66
C ASN A 774 37.29 -10.45 -12.72
N GLY A 775 36.19 -11.20 -12.76
CA GLY A 775 36.05 -12.34 -11.87
C GLY A 775 37.14 -13.38 -12.10
N PHE A 776 37.38 -14.17 -11.05
CA PHE A 776 38.41 -15.19 -11.12
C PHE A 776 38.00 -16.37 -11.99
N GLU A 777 36.70 -16.56 -12.21
CA GLU A 777 36.18 -17.63 -13.04
C GLU A 777 35.36 -17.08 -14.20
N LYS A 778 35.77 -15.93 -14.74
CA LYS A 778 34.94 -15.34 -15.79
C LYS A 778 34.87 -16.20 -17.04
N ASP A 779 35.71 -17.24 -17.16
CA ASP A 779 35.53 -18.21 -18.25
C ASP A 779 34.36 -19.15 -18.00
N MET A 780 33.97 -19.35 -16.73
CA MET A 780 32.84 -20.21 -16.43
C MET A 780 31.50 -19.54 -16.75
N PHE A 781 31.42 -18.22 -16.55
CA PHE A 781 30.15 -17.51 -16.65
C PHE A 781 30.39 -16.01 -16.53
N GLN A 782 29.69 -15.23 -17.37
CA GLN A 782 29.80 -13.78 -17.38
C GLN A 782 28.47 -13.16 -16.93
N MET A 783 28.47 -12.52 -15.76
CA MET A 783 27.26 -11.93 -15.22
C MET A 783 26.68 -10.87 -16.15
N PHE A 784 27.53 -10.07 -16.78
CA PHE A 784 27.11 -8.84 -17.45
C PHE A 784 27.08 -8.96 -18.97
N SER A 785 26.88 -10.16 -19.49
CA SER A 785 26.68 -10.32 -20.93
C SER A 785 25.93 -11.61 -21.18
N SER A 786 25.54 -11.83 -22.43
CA SER A 786 24.87 -13.09 -22.75
C SER A 786 24.69 -13.23 -24.25
N ALA A 787 24.80 -14.46 -24.72
CA ALA A 787 24.43 -14.79 -26.09
C ALA A 787 22.94 -15.01 -26.24
N LYS A 788 22.22 -15.20 -25.13
CA LYS A 788 20.78 -15.39 -25.21
C LYS A 788 20.01 -14.10 -25.45
N GLY A 789 20.63 -12.95 -25.32
CA GLY A 789 19.94 -11.69 -25.52
C GLY A 789 20.67 -10.55 -24.86
N GLN A 790 20.09 -9.35 -25.01
CA GLN A 790 20.67 -8.11 -24.53
C GLN A 790 20.10 -7.74 -23.15
N ASN A 791 20.99 -7.33 -22.24
CA ASN A 791 20.61 -6.82 -20.91
C ASN A 791 19.73 -7.79 -20.14
N LEU A 792 20.17 -9.04 -20.05
CA LEU A 792 19.43 -10.05 -19.32
C LEU A 792 19.87 -10.04 -17.86
N LEU A 793 18.92 -9.75 -16.96
CA LEU A 793 19.16 -9.67 -15.52
C LEU A 793 19.84 -8.35 -15.15
N PHE A 794 20.96 -8.06 -15.81
CA PHE A 794 21.70 -6.82 -15.62
C PHE A 794 21.86 -6.12 -16.97
N ASN A 795 22.16 -4.83 -16.93
CA ASN A 795 22.50 -4.13 -18.15
C ASN A 795 23.87 -4.60 -18.64
N ASP A 796 23.99 -4.85 -19.94
CA ASP A 796 25.25 -5.40 -20.45
C ASP A 796 26.39 -4.40 -20.24
N GLU A 797 26.10 -3.10 -20.19
CA GLU A 797 27.12 -2.08 -19.99
C GLU A 797 27.47 -1.85 -18.53
N THR A 798 26.94 -2.68 -17.62
CA THR A 798 27.28 -2.55 -16.21
C THR A 798 28.75 -2.87 -15.98
N GLN A 799 29.44 -1.98 -15.27
CA GLN A 799 30.84 -2.25 -14.93
C GLN A 799 30.95 -3.17 -13.73
N CYS A 800 30.12 -2.96 -12.71
CA CYS A 800 30.04 -3.84 -11.56
C CYS A 800 28.86 -3.38 -10.70
N LEU A 801 28.57 -4.16 -9.67
CA LEU A 801 27.53 -3.84 -8.71
C LEU A 801 28.19 -3.31 -7.44
N ILE A 802 27.73 -2.16 -6.98
CA ILE A 802 28.29 -1.51 -5.79
C ILE A 802 27.21 -1.48 -4.71
N GLU A 803 27.62 -1.84 -3.49
CA GLU A 803 26.69 -1.88 -2.38
C GLU A 803 26.07 -0.50 -2.15
N PHE A 804 24.78 -0.46 -1.87
CA PHE A 804 24.08 0.79 -1.58
C PHE A 804 24.45 1.25 -0.18
N ASP A 805 25.15 2.37 -0.07
CA ASP A 805 25.51 2.93 1.23
C ASP A 805 24.31 3.70 1.75
N ARG A 806 23.51 3.03 2.57
CA ARG A 806 22.28 3.61 3.10
C ARG A 806 22.62 4.74 4.07
N GLN A 807 22.13 6.03 3.74
CA GLN A 807 22.29 7.25 4.52
C GLN A 807 21.11 7.44 5.48
N PRO A 808 21.32 8.08 6.64
CA PRO A 808 20.20 8.34 7.54
C PRO A 808 19.32 9.47 7.02
N LYS A 809 18.36 9.13 6.17
CA LYS A 809 17.44 10.10 5.61
C LYS A 809 16.33 9.34 4.88
N ASP A 810 15.38 10.09 4.33
CA ASP A 810 14.27 9.46 3.60
C ASP A 810 14.80 8.58 2.48
N ILE A 811 14.34 7.32 2.41
CA ILE A 811 14.86 6.43 1.37
C ILE A 811 14.56 7.00 -0.02
N MET A 812 13.40 7.63 -0.19
CA MET A 812 13.10 8.26 -1.48
C MET A 812 14.23 9.20 -1.86
N GLU A 813 14.54 10.15 -0.96
CA GLU A 813 15.64 11.07 -1.21
C GLU A 813 16.96 10.34 -1.31
N ASP A 814 17.18 9.37 -0.41
CA ASP A 814 18.41 8.60 -0.42
C ASP A 814 18.64 7.94 -1.78
N TYR A 815 17.66 7.18 -2.28
CA TYR A 815 17.87 6.44 -3.52
C TYR A 815 17.83 7.37 -4.74
N PHE A 816 16.86 8.30 -4.80
CA PHE A 816 16.70 9.09 -6.02
C PHE A 816 17.65 10.28 -6.10
N GLY A 817 18.21 10.74 -4.98
CA GLY A 817 18.86 12.04 -4.99
C GLY A 817 17.84 13.16 -4.91
N VAL A 818 18.18 14.25 -4.23
CA VAL A 818 17.18 15.28 -3.95
C VAL A 818 16.69 15.92 -5.25
N ARG A 819 17.57 16.14 -6.22
CA ARG A 819 17.13 16.80 -7.44
C ARG A 819 16.07 15.98 -8.16
N TYR A 820 16.34 14.69 -8.36
CA TYR A 820 15.41 13.86 -9.12
C TYR A 820 14.09 13.69 -8.35
N TYR A 821 14.19 13.35 -7.06
CA TYR A 821 13.00 13.22 -6.22
C TYR A 821 12.08 14.43 -6.39
N THR A 822 12.66 15.62 -6.32
CA THR A 822 11.89 16.86 -6.44
C THR A 822 11.34 17.04 -7.85
N ALA A 823 12.17 16.84 -8.87
CA ALA A 823 11.76 17.20 -10.22
C ALA A 823 10.69 16.26 -10.76
N VAL A 824 10.72 14.99 -10.37
CA VAL A 824 9.84 13.98 -10.94
C VAL A 824 8.65 13.69 -10.02
N TYR A 825 8.85 13.72 -8.71
CA TYR A 825 7.82 13.36 -7.75
C TYR A 825 7.48 14.48 -6.77
N SER A 826 7.91 15.72 -7.04
CA SER A 826 7.72 16.85 -6.11
C SER A 826 8.18 16.51 -4.70
N ALA A 827 9.18 15.65 -4.57
CA ALA A 827 9.67 15.24 -3.25
C ALA A 827 8.51 14.79 -2.35
N SER A 828 7.54 14.07 -2.92
CA SER A 828 6.34 13.68 -2.21
C SER A 828 6.24 12.16 -2.12
N ARG A 829 5.77 11.67 -0.97
CA ARG A 829 5.50 10.24 -0.80
C ARG A 829 4.07 9.88 -1.17
N SER A 830 3.38 10.73 -1.95
CA SER A 830 1.98 10.53 -2.24
C SER A 830 1.67 10.30 -3.71
N ALA A 831 2.68 10.29 -4.59
CA ALA A 831 2.42 9.93 -5.98
C ALA A 831 1.98 8.46 -6.05
N VAL A 832 1.14 8.16 -7.04
CA VAL A 832 0.62 6.81 -7.21
C VAL A 832 0.92 6.36 -8.64
N PRO A 833 2.19 6.17 -9.01
CA PRO A 833 2.50 5.73 -10.38
C PRO A 833 2.14 4.28 -10.66
N SER A 834 1.74 3.51 -9.65
CA SER A 834 1.28 2.15 -9.87
C SER A 834 0.19 1.83 -8.86
N GLU A 835 -0.91 1.25 -9.33
CA GLU A 835 -2.03 0.93 -8.45
C GLU A 835 -1.70 -0.16 -7.46
N LEU A 836 -0.50 -0.74 -7.53
CA LEU A 836 -0.09 -1.63 -6.45
C LEU A 836 0.20 -0.86 -5.16
N ILE A 837 0.58 0.41 -5.28
CA ILE A 837 1.02 1.18 -4.11
C ILE A 837 -0.05 1.24 -3.00
N PRO A 838 -1.31 1.61 -3.29
CA PRO A 838 -2.31 1.60 -2.20
C PRO A 838 -2.47 0.24 -1.57
N ALA A 839 -2.23 -0.85 -2.32
CA ALA A 839 -2.39 -2.18 -1.74
C ALA A 839 -1.19 -2.55 -0.87
N CYS A 840 0.03 -2.30 -1.36
CA CYS A 840 1.20 -2.68 -0.58
C CYS A 840 1.48 -1.74 0.59
N THR A 841 0.90 -0.54 0.62
CA THR A 841 1.03 0.33 1.80
C THR A 841 -0.14 0.23 2.77
N PHE A 842 -1.12 -0.64 2.49
CA PHE A 842 -2.23 -0.86 3.40
C PHE A 842 -1.75 -1.24 4.80
N LYS A 843 -2.27 -0.55 5.82
CA LYS A 843 -1.73 -0.73 7.17
C LYS A 843 -2.38 -1.90 7.89
N HIS A 844 -1.61 -2.56 8.74
CA HIS A 844 -2.00 -3.84 9.34
C HIS A 844 -2.13 -3.75 10.85
N CYS A 845 -2.84 -4.73 11.39
CA CYS A 845 -3.02 -4.87 12.83
C CYS A 845 -2.15 -6.02 13.33
N SER A 846 -0.85 -5.77 13.30
CA SER A 846 0.13 -6.80 13.61
C SER A 846 0.76 -6.52 14.98
N ASN A 847 1.43 -7.55 15.49
CA ASN A 847 2.10 -7.52 16.78
C ASN A 847 3.62 -7.60 16.60
N SER A 848 4.33 -7.75 17.71
CA SER A 848 5.78 -7.99 17.70
C SER A 848 6.11 -9.15 18.62
O10 QDX B . 20.74 23.23 -2.92
C14 QDX B . 29.08 11.88 -7.72
C15 QDX B . 27.63 11.88 -7.14
C17 QDX B . 25.60 14.60 -5.42
C18 QDX B . 24.41 15.49 -5.84
C01 QDX B . 22.07 9.75 -4.10
C02 QDX B . 21.61 8.50 -4.38
C03 QDX B . 22.61 6.43 -5.16
C04 QDX B . 24.89 5.96 -4.49
C05 QDX B . 24.94 7.04 -3.48
C06 QDX B . 23.86 8.05 -3.63
C07 QDX B . 23.57 9.75 -3.80
C08 QDX B . 23.37 7.11 -1.79
C09 QDX B . 25.98 6.34 -5.53
C10 QDX B . 26.81 8.35 -6.44
C11 QDX B . 29.31 8.53 -6.04
C12 QDX B . 29.72 10.02 -6.15
C13 QDX B . 29.64 10.44 -7.64
C16 QDX B . 27.49 13.00 -6.09
C19 QDX B . 24.50 16.89 -5.75
C20 QDX B . 23.24 14.92 -6.31
C21 QDX B . 23.42 17.71 -6.12
C22 QDX B . 22.17 15.72 -6.70
C23 QDX B . 22.25 17.10 -6.60
C24 QDX B . 21.07 17.98 -7.02
C25 QDX B . 23.51 19.25 -6.03
C26 QDX B . 22.60 19.96 -5.07
C27 QDX B . 24.42 19.94 -6.83
C28 QDX B . 21.51 19.59 -4.06
C29 QDX B . 22.73 21.35 -5.05
C30 QDX B . 24.53 21.32 -6.79
C31 QDX B . 25.54 19.34 -7.98
C32 QDX B . 20.82 20.78 -3.27
C33 QDX B . 22.17 22.21 -4.42
C34 QDX B . 25.28 22.04 -7.42
C35 QDX B . 26.37 20.41 -8.66
C36 QDX B . 21.28 22.10 -3.56
C37 QDX B . 26.10 21.66 -8.26
N01 QDX B . 22.63 7.65 -4.43
N02 QDX B . 23.62 5.70 -5.18
N03 QDX B . 23.02 7.93 -2.57
N04 QDX B . 24.64 6.40 -2.16
N05 QDX B . 22.72 6.77 -0.54
N06 QDX B . 27.95 8.40 -5.53
N07 QDX B . 21.39 6.10 -5.90
N08 QDX B . 26.35 13.87 -6.46
O01 QDX B . 24.27 10.25 -4.93
O02 QDX B . 23.90 10.37 -2.57
O03 QDX B . 25.66 7.59 -6.11
O04 QDX B . 26.82 8.96 -7.47
O05 QDX B . 25.91 14.50 -4.28
O06 QDX B . 20.06 18.09 -6.25
O07 QDX B . 21.08 18.59 -8.13
O08 QDX B . 23.69 21.85 -5.92
O09 QDX B . 26.85 22.68 -8.87
OH2 1PE C . 4.71 -22.64 14.99
C12 1PE C . 3.38 -22.23 14.81
C22 1PE C . 3.24 -20.76 15.21
OH3 1PE C . 2.11 -20.16 14.64
C13 1PE C . 2.57 -18.13 15.86
C23 1PE C . 2.19 -18.76 14.52
OH4 1PE C . 2.54 -16.72 15.77
C14 1PE C . 2.27 -16.03 18.04
C24 1PE C . 3.18 -16.05 16.82
OH5 1PE C . 2.86 -15.24 19.04
C15 1PE C . 1.14 -14.44 20.47
C25 1PE C . 2.31 -15.40 20.31
OH6 1PE C . 1.38 -13.33 19.65
C16 1PE C . 0.77 -11.17 20.40
C26 1PE C . 0.34 -12.40 19.63
OH7 1PE C . 2.01 -11.39 21.01
HO2 1PE C . 5.06 -22.23 15.76
H121 1PE C . 2.73 -22.84 15.43
H122 1PE C . 3.10 -22.35 13.76
H221 1PE C . 4.12 -20.23 14.87
H222 1PE C . 3.17 -20.69 16.29
H131 1PE C . 3.57 -18.44 16.14
H132 1PE C . 1.87 -18.45 16.62
H231 1PE C . 1.22 -18.37 14.20
H232 1PE C . 2.93 -18.51 13.77
H141 1PE C . 2.14 -17.04 18.42
H142 1PE C . 1.30 -15.62 17.78
H241 1PE C . 3.39 -15.03 16.51
H242 1PE C . 4.10 -16.56 17.07
H151 1PE C . 1.06 -14.12 21.50
H152 1PE C . 0.22 -14.93 20.18
H251 1PE C . 1.96 -16.42 20.42
H252 1PE C . 3.06 -15.19 21.07
H161 1PE C . 0.03 -10.94 21.17
H162 1PE C . 0.85 -10.32 19.72
H261 1PE C . -0.55 -12.84 20.09
H262 1PE C . 0.12 -12.13 18.60
HO7 1PE C . 1.92 -12.08 21.64
#